data_8ZTH
#
_entry.id   8ZTH
#
_cell.length_a   1.00
_cell.length_b   1.00
_cell.length_c   1.00
_cell.angle_alpha   90.00
_cell.angle_beta   90.00
_cell.angle_gamma   90.00
#
_symmetry.space_group_name_H-M   'P 1'
#
loop_
_entity.id
_entity.type
_entity.pdbx_description
1 polymer 'Aluminum-activated malate transporter 9'
2 non-polymer DECANE
3 non-polymer 'PALMITIC ACID'
4 non-polymer N-OCTANE
5 water water
#
_entity_poly.entity_id   1
_entity_poly.type   'polypeptide(L)'
_entity_poly.pdbx_seq_one_letter_code
;MAAKQGSFRHGILEKRERLLSNNGFSDFRFTDIESNDLLENENCGRRTRLCCCCSCGNLSEKISGVYDDAKDVARKAWEM
GVSDPRKIVFSAKIGLALTIVALLIFYQEPNPDLSRYSVWAILTVVVVFEFTIGATLSKGFNRALGTLSAGGLALGMAEL
STLFGDWEEIFCTLSIFCIGFLATFMKLYPSMKAYEYGFRVFLLTYCYILISGFRTGQFIEVAISRFLLIALGAGVSLGV
NMFIYPIWAGEDLHNLVVKNFMNVATSLEGCVNGYLRCLEYERIPSKILTYQASEDPVYKGYRSAVESTSQEESLMSFAI
WEPPHGPYKSFNYPWKNYVKLSGALKHCAFTVMALHGCILSEIQAPEERRQVFRQELQRVGVEGAKLLRELGEKVKKMEK
LGPVDLLFEVHLAAEELQHKIDKKSYLLVNSECWEIGNRATKESEPQELLSLEDSDPPENHAPPIYAFKSLSEAVLEIPP
SWGEKNHREALNHRPTFSKQVSWPARLVLPPHLETTNGASPLVETTKTYESASALSLATFASLLIEFVARLQNVVDAFKE
LSQKANFKEPEIVTTGTDVEFSGERVGLGQKIRRCFGM
;
_entity_poly.pdbx_strand_id   A,B
#
# COMPACT_ATOMS: atom_id res chain seq x y z
N ALA A 77 6.34 -24.03 -3.73
CA ALA A 77 5.00 -23.54 -4.01
C ALA A 77 3.94 -24.52 -3.51
N TRP A 78 4.31 -25.81 -3.49
CA TRP A 78 3.39 -26.82 -2.98
C TRP A 78 2.94 -26.44 -1.58
N GLU A 79 3.87 -25.97 -0.74
CA GLU A 79 3.49 -25.57 0.61
C GLU A 79 2.46 -24.46 0.59
N MET A 80 2.66 -23.42 -0.25
CA MET A 80 1.64 -22.38 -0.31
C MET A 80 0.31 -22.95 -0.77
N GLY A 81 0.34 -24.02 -1.56
CA GLY A 81 -0.89 -24.65 -1.98
C GLY A 81 -1.60 -25.33 -0.83
N VAL A 82 -0.83 -25.98 0.05
CA VAL A 82 -1.42 -26.65 1.19
C VAL A 82 -1.90 -25.66 2.24
N SER A 83 -1.20 -24.54 2.40
CA SER A 83 -1.64 -23.54 3.37
C SER A 83 -2.94 -22.86 2.95
N ASP A 84 -3.13 -22.63 1.66
CA ASP A 84 -4.34 -22.00 1.14
C ASP A 84 -4.81 -22.71 -0.12
N PRO A 85 -5.68 -23.72 0.00
CA PRO A 85 -6.19 -24.38 -1.19
C PRO A 85 -7.12 -23.50 -2.01
N ARG A 86 -7.33 -22.25 -1.59
CA ARG A 86 -8.15 -21.31 -2.33
C ARG A 86 -7.44 -20.80 -3.57
N LYS A 87 -6.10 -20.85 -3.57
CA LYS A 87 -5.28 -20.39 -4.67
C LYS A 87 -5.07 -21.45 -5.75
N ILE A 88 -5.42 -22.71 -5.47
CA ILE A 88 -5.29 -23.76 -6.47
C ILE A 88 -6.56 -23.95 -7.30
N VAL A 89 -7.68 -23.39 -6.87
CA VAL A 89 -8.90 -23.47 -7.66
C VAL A 89 -9.03 -22.28 -8.62
N PHE A 90 -8.48 -21.12 -8.24
CA PHE A 90 -8.49 -19.97 -9.14
C PHE A 90 -7.70 -20.25 -10.40
N SER A 91 -6.54 -20.90 -10.27
CA SER A 91 -5.70 -21.19 -11.42
C SER A 91 -6.36 -22.20 -12.34
N ALA A 92 -7.02 -23.21 -11.77
CA ALA A 92 -7.69 -24.20 -12.59
C ALA A 92 -8.95 -23.64 -13.23
N LYS A 93 -9.57 -22.64 -12.61
CA LYS A 93 -10.74 -22.02 -13.21
C LYS A 93 -10.33 -21.14 -14.39
N ILE A 94 -9.20 -20.44 -14.27
CA ILE A 94 -8.70 -19.67 -15.40
C ILE A 94 -8.29 -20.60 -16.54
N GLY A 95 -7.64 -21.71 -16.21
CA GLY A 95 -7.28 -22.67 -17.25
C GLY A 95 -8.49 -23.26 -17.94
N LEU A 96 -9.55 -23.52 -17.17
CA LEU A 96 -10.76 -24.10 -17.77
C LEU A 96 -11.47 -23.09 -18.67
N ALA A 97 -11.53 -21.82 -18.26
CA ALA A 97 -12.15 -20.82 -19.13
C ALA A 97 -11.36 -20.64 -20.41
N LEU A 98 -10.02 -20.65 -20.32
CA LEU A 98 -9.21 -20.50 -21.51
C LEU A 98 -9.39 -21.70 -22.45
N THR A 99 -9.52 -22.90 -21.88
CA THR A 99 -9.73 -24.08 -22.71
C THR A 99 -11.11 -24.06 -23.36
N ILE A 100 -12.13 -23.53 -22.67
CA ILE A 100 -13.45 -23.46 -23.28
C ILE A 100 -13.46 -22.47 -24.43
N VAL A 101 -12.77 -21.34 -24.27
CA VAL A 101 -12.69 -20.38 -25.38
C VAL A 101 -11.94 -21.00 -26.55
N ALA A 102 -10.85 -21.70 -26.27
CA ALA A 102 -10.09 -22.36 -27.33
C ALA A 102 -10.97 -23.36 -28.09
N LEU A 103 -11.75 -24.17 -27.37
CA LEU A 103 -12.59 -25.16 -28.04
C LEU A 103 -13.68 -24.49 -28.87
N LEU A 104 -14.27 -23.40 -28.35
CA LEU A 104 -15.31 -22.72 -29.12
C LEU A 104 -14.75 -22.15 -30.41
N ILE A 105 -13.52 -21.62 -30.36
CA ILE A 105 -12.95 -21.06 -31.58
C ILE A 105 -12.54 -22.17 -32.54
N PHE A 106 -11.95 -23.25 -32.03
CA PHE A 106 -11.49 -24.35 -32.88
C PHE A 106 -12.64 -25.05 -33.59
N TYR A 107 -13.78 -25.24 -32.92
CA TYR A 107 -14.80 -26.14 -33.45
C TYR A 107 -16.06 -25.46 -33.97
N GLN A 108 -16.30 -24.20 -33.63
CA GLN A 108 -17.55 -23.53 -34.01
C GLN A 108 -17.35 -22.51 -35.12
N GLU A 109 -16.25 -22.60 -35.88
CA GLU A 109 -16.04 -21.70 -36.99
C GLU A 109 -15.27 -22.39 -38.12
N PRO A 110 -15.75 -22.29 -39.35
CA PRO A 110 -14.98 -22.80 -40.51
C PRO A 110 -14.23 -21.72 -41.28
N ASN A 111 -14.10 -20.52 -40.73
CA ASN A 111 -13.43 -19.39 -41.38
C ASN A 111 -12.38 -18.81 -40.43
N PRO A 112 -11.27 -18.32 -40.98
CA PRO A 112 -10.19 -17.81 -40.12
C PRO A 112 -10.50 -16.50 -39.42
N ASP A 113 -11.59 -15.80 -39.77
CA ASP A 113 -11.83 -14.50 -39.18
C ASP A 113 -11.90 -14.59 -37.66
N LEU A 114 -12.66 -15.55 -37.13
CA LEU A 114 -12.74 -15.69 -35.68
C LEU A 114 -11.45 -16.20 -35.08
N SER A 115 -10.54 -16.70 -35.92
CA SER A 115 -9.22 -17.11 -35.48
C SER A 115 -8.23 -15.97 -35.62
N ARG A 116 -8.49 -15.03 -36.53
CA ARG A 116 -7.58 -13.91 -36.72
C ARG A 116 -7.84 -12.76 -35.76
N TYR A 117 -9.08 -12.65 -35.26
CA TYR A 117 -9.43 -11.66 -34.24
C TYR A 117 -9.54 -12.28 -32.86
N SER A 118 -8.84 -13.39 -32.62
CA SER A 118 -8.97 -14.14 -31.38
C SER A 118 -8.16 -13.58 -30.23
N VAL A 119 -7.42 -12.48 -30.43
CA VAL A 119 -6.68 -11.89 -29.32
C VAL A 119 -7.57 -11.07 -28.40
N TRP A 120 -8.77 -10.69 -28.85
CA TRP A 120 -9.65 -9.88 -28.01
C TRP A 120 -10.37 -10.72 -26.97
N ALA A 121 -10.70 -11.97 -27.29
CA ALA A 121 -11.32 -12.83 -26.29
C ALA A 121 -10.31 -13.25 -25.23
N ILE A 122 -9.07 -13.54 -25.64
CA ILE A 122 -8.04 -13.92 -24.67
C ILE A 122 -7.67 -12.74 -23.79
N LEU A 123 -7.54 -11.55 -24.38
CA LEU A 123 -7.28 -10.37 -23.57
C LEU A 123 -8.42 -10.09 -22.60
N THR A 124 -9.66 -10.25 -23.04
CA THR A 124 -10.79 -10.04 -22.14
C THR A 124 -10.79 -11.03 -20.99
N VAL A 125 -10.54 -12.31 -21.29
CA VAL A 125 -10.51 -13.34 -20.26
C VAL A 125 -9.42 -13.05 -19.23
N VAL A 126 -8.22 -12.71 -19.70
CA VAL A 126 -7.14 -12.39 -18.79
C VAL A 126 -7.31 -11.07 -18.04
N VAL A 127 -8.07 -10.13 -18.59
CA VAL A 127 -8.29 -8.86 -17.90
C VAL A 127 -9.44 -8.86 -16.89
N VAL A 128 -10.51 -9.61 -17.14
CA VAL A 128 -11.76 -9.43 -16.40
C VAL A 128 -11.98 -10.49 -15.31
N PHE A 129 -11.05 -11.42 -15.13
CA PHE A 129 -11.18 -12.45 -14.10
C PHE A 129 -10.53 -12.00 -12.81
N GLU A 130 -11.33 -11.89 -11.74
CA GLU A 130 -10.85 -11.43 -10.45
C GLU A 130 -11.13 -12.48 -9.36
N PHE A 131 -10.45 -12.31 -8.23
CA PHE A 131 -10.58 -13.23 -7.11
C PHE A 131 -12.01 -13.30 -6.55
N THR A 132 -12.72 -12.18 -6.52
CA THR A 132 -14.07 -12.17 -5.96
C THR A 132 -15.12 -11.82 -7.01
N ILE A 133 -16.36 -12.19 -6.69
CA ILE A 133 -17.48 -11.91 -7.59
C ILE A 133 -17.82 -10.42 -7.63
N GLY A 134 -17.76 -9.75 -6.49
CA GLY A 134 -18.12 -8.34 -6.46
C GLY A 134 -17.07 -7.44 -7.08
N ALA A 135 -15.80 -7.83 -6.97
CA ALA A 135 -14.78 -7.06 -7.67
C ALA A 135 -14.89 -7.27 -9.16
N THR A 136 -15.31 -8.46 -9.58
CA THR A 136 -15.48 -8.73 -11.00
C THR A 136 -16.65 -7.92 -11.55
N LEU A 137 -17.72 -7.80 -10.77
CA LEU A 137 -18.88 -7.07 -11.26
C LEU A 137 -18.61 -5.57 -11.32
N SER A 138 -17.98 -5.02 -10.28
CA SER A 138 -17.74 -3.58 -10.29
C SER A 138 -16.70 -3.17 -11.31
N LYS A 139 -15.58 -3.91 -11.38
CA LYS A 139 -14.57 -3.56 -12.37
C LYS A 139 -15.04 -3.84 -13.79
N GLY A 140 -15.87 -4.86 -14.00
CA GLY A 140 -16.41 -5.08 -15.32
C GLY A 140 -17.38 -3.99 -15.75
N PHE A 141 -18.14 -3.45 -14.81
CA PHE A 141 -19.01 -2.32 -15.15
C PHE A 141 -18.19 -1.09 -15.50
N ASN A 142 -17.12 -0.82 -14.75
CA ASN A 142 -16.31 0.35 -15.04
C ASN A 142 -15.46 0.16 -16.31
N ARG A 143 -15.13 -1.08 -16.66
CA ARG A 143 -14.42 -1.33 -17.91
C ARG A 143 -15.36 -1.41 -19.11
N ALA A 144 -16.65 -1.66 -18.89
CA ALA A 144 -17.62 -1.62 -19.97
C ALA A 144 -18.23 -0.25 -20.17
N LEU A 145 -17.91 0.70 -19.29
CA LEU A 145 -18.30 2.08 -19.57
C LEU A 145 -17.26 2.80 -20.43
N GLY A 146 -15.97 2.55 -20.18
CA GLY A 146 -14.94 3.20 -20.97
C GLY A 146 -14.90 2.78 -22.42
N THR A 147 -15.23 1.51 -22.70
CA THR A 147 -15.21 1.05 -24.09
C THR A 147 -16.39 1.61 -24.87
N LEU A 148 -17.55 1.72 -24.23
CA LEU A 148 -18.72 2.24 -24.91
C LEU A 148 -18.71 3.76 -24.98
N SER A 149 -17.91 4.43 -24.14
CA SER A 149 -17.73 5.86 -24.28
C SER A 149 -16.61 6.23 -25.23
N ALA A 150 -15.63 5.34 -25.42
CA ALA A 150 -14.57 5.57 -26.40
C ALA A 150 -14.89 5.02 -27.78
N GLY A 151 -15.98 4.26 -27.92
CA GLY A 151 -16.35 3.80 -29.24
C GLY A 151 -17.29 4.73 -29.99
N GLY A 152 -18.00 5.59 -29.26
CA GLY A 152 -18.89 6.53 -29.90
C GLY A 152 -18.20 7.84 -30.24
N LEU A 153 -17.20 8.20 -29.45
CA LEU A 153 -16.44 9.41 -29.73
C LEU A 153 -15.58 9.22 -30.98
N ALA A 154 -15.02 8.02 -31.16
CA ALA A 154 -14.18 7.79 -32.33
C ALA A 154 -15.02 7.75 -33.60
N LEU A 155 -16.29 7.35 -33.50
CA LEU A 155 -17.14 7.34 -34.68
C LEU A 155 -17.76 8.70 -34.94
N GLY A 156 -17.82 9.55 -33.92
CA GLY A 156 -18.32 10.88 -34.14
C GLY A 156 -17.23 11.70 -34.78
N MET A 157 -15.98 11.51 -34.34
CA MET A 157 -14.88 12.19 -35.01
C MET A 157 -14.68 11.65 -36.43
N ALA A 158 -14.81 10.34 -36.63
CA ALA A 158 -14.67 9.77 -37.96
C ALA A 158 -15.84 10.10 -38.86
N GLU A 159 -16.91 10.69 -38.33
CA GLU A 159 -18.01 11.16 -39.15
C GLU A 159 -17.98 12.68 -39.35
N LEU A 160 -17.40 13.41 -38.41
CA LEU A 160 -17.26 14.86 -38.51
C LEU A 160 -15.98 15.27 -39.22
N SER A 161 -15.05 14.35 -39.49
CA SER A 161 -13.84 14.72 -40.21
C SER A 161 -14.05 14.87 -41.71
N THR A 162 -15.19 14.41 -42.24
CA THR A 162 -15.44 14.54 -43.67
C THR A 162 -15.60 16.00 -44.08
N LEU A 163 -16.16 16.84 -43.20
CA LEU A 163 -16.36 18.24 -43.53
C LEU A 163 -15.07 18.91 -43.97
N PHE A 164 -14.00 18.73 -43.19
CA PHE A 164 -12.70 19.28 -43.55
C PHE A 164 -12.05 18.49 -44.68
N GLY A 165 -12.57 18.66 -45.90
CA GLY A 165 -12.07 17.90 -47.02
C GLY A 165 -10.62 18.21 -47.33
N ASP A 166 -10.01 17.32 -48.11
CA ASP A 166 -8.62 17.47 -48.49
C ASP A 166 -7.69 17.31 -47.29
N TRP A 167 -7.73 18.27 -46.37
CA TRP A 167 -6.93 18.19 -45.16
C TRP A 167 -7.63 17.35 -44.09
N GLU A 168 -8.10 16.16 -44.47
CA GLU A 168 -8.86 15.31 -43.58
C GLU A 168 -8.00 14.25 -42.89
N GLU A 169 -6.69 14.24 -43.15
CA GLU A 169 -5.77 13.32 -42.49
C GLU A 169 -5.00 13.96 -41.35
N ILE A 170 -4.98 15.28 -41.26
CA ILE A 170 -4.35 15.96 -40.13
C ILE A 170 -5.32 16.09 -38.95
N PHE A 171 -6.62 16.19 -39.24
CA PHE A 171 -7.63 16.30 -38.20
C PHE A 171 -7.77 14.99 -37.43
N CYS A 172 -7.33 13.88 -38.00
CA CYS A 172 -7.38 12.59 -37.33
C CYS A 172 -6.16 12.32 -36.48
N THR A 173 -5.07 13.07 -36.68
CA THR A 173 -3.90 12.97 -35.83
C THR A 173 -3.91 14.01 -34.71
N LEU A 174 -4.49 15.18 -34.97
CA LEU A 174 -4.61 16.16 -33.89
C LEU A 174 -5.61 15.70 -32.84
N SER A 175 -6.48 14.77 -33.19
CA SER A 175 -7.44 14.25 -32.24
C SER A 175 -6.83 13.14 -31.38
N ILE A 176 -5.92 12.35 -31.95
CA ILE A 176 -5.19 11.39 -31.13
C ILE A 176 -4.28 12.15 -30.15
N PHE A 177 -3.70 13.26 -30.60
CA PHE A 177 -2.87 14.04 -29.67
C PHE A 177 -3.72 14.66 -28.56
N CYS A 178 -4.87 15.24 -28.91
CA CYS A 178 -5.72 15.87 -27.90
C CYS A 178 -6.25 14.85 -26.90
N ILE A 179 -6.82 13.74 -27.40
CA ILE A 179 -7.36 12.72 -26.51
C ILE A 179 -6.28 12.15 -25.61
N GLY A 180 -5.08 11.87 -26.15
CA GLY A 180 -3.99 11.42 -25.29
C GLY A 180 -3.70 12.38 -24.16
N PHE A 181 -3.47 13.65 -24.51
CA PHE A 181 -3.20 14.65 -23.47
C PHE A 181 -4.30 14.68 -22.41
N LEU A 182 -5.55 14.78 -22.85
CA LEU A 182 -6.67 14.92 -21.91
C LEU A 182 -6.79 13.70 -21.00
N ALA A 183 -6.73 12.49 -21.57
CA ALA A 183 -6.89 11.31 -20.75
C ALA A 183 -5.75 11.12 -19.77
N THR A 184 -4.54 11.57 -20.11
CA THR A 184 -3.48 11.41 -19.12
C THR A 184 -3.58 12.47 -18.03
N PHE A 185 -4.02 13.68 -18.39
CA PHE A 185 -4.21 14.69 -17.36
C PHE A 185 -5.28 14.26 -16.38
N MET A 186 -6.39 13.74 -16.91
CA MET A 186 -7.46 13.27 -16.03
C MET A 186 -7.01 12.10 -15.17
N LYS A 187 -6.20 11.19 -15.72
CA LYS A 187 -5.76 10.06 -14.91
C LYS A 187 -4.77 10.47 -13.84
N LEU A 188 -4.09 11.61 -13.98
CA LEU A 188 -3.10 12.02 -12.99
C LEU A 188 -3.69 12.73 -11.78
N TYR A 189 -4.95 13.16 -11.82
CA TYR A 189 -5.58 13.76 -10.66
C TYR A 189 -5.45 12.85 -9.43
N PRO A 190 -5.35 13.43 -8.21
CA PRO A 190 -5.11 12.59 -7.03
C PRO A 190 -6.34 11.86 -6.47
N SER A 191 -7.54 12.22 -6.93
CA SER A 191 -8.76 11.54 -6.49
C SER A 191 -9.20 10.44 -7.45
N MET A 192 -8.54 10.33 -8.60
CA MET A 192 -8.90 9.32 -9.60
C MET A 192 -7.91 8.19 -9.63
N LYS A 193 -6.98 8.17 -8.68
CA LYS A 193 -5.93 7.16 -8.71
C LYS A 193 -6.42 5.73 -8.64
N ALA A 194 -7.62 5.53 -8.12
CA ALA A 194 -8.18 4.20 -7.97
C ALA A 194 -8.76 3.67 -9.27
N TYR A 195 -9.08 4.55 -10.21
CA TYR A 195 -9.71 4.13 -11.47
C TYR A 195 -8.75 4.17 -12.65
N GLU A 196 -7.49 3.75 -12.46
CA GLU A 196 -6.52 3.82 -13.54
C GLU A 196 -6.72 2.74 -14.60
N TYR A 197 -7.64 1.80 -14.39
CA TYR A 197 -7.86 0.72 -15.33
C TYR A 197 -8.90 1.03 -16.40
N GLY A 198 -9.73 2.05 -16.20
CA GLY A 198 -10.72 2.44 -17.18
C GLY A 198 -10.20 3.42 -18.22
N PHE A 199 -9.22 4.23 -17.82
CA PHE A 199 -8.60 5.17 -18.75
C PHE A 199 -7.74 4.45 -19.78
N ARG A 200 -7.13 3.32 -19.39
CA ARG A 200 -6.33 2.57 -20.34
C ARG A 200 -7.22 1.92 -21.40
N VAL A 201 -8.38 1.40 -20.97
CA VAL A 201 -9.32 0.82 -21.93
C VAL A 201 -9.84 1.91 -22.87
N PHE A 202 -10.15 3.09 -22.32
CA PHE A 202 -10.64 4.18 -23.14
C PHE A 202 -9.61 4.56 -24.21
N LEU A 203 -8.36 4.73 -23.80
CA LEU A 203 -7.34 5.18 -24.75
C LEU A 203 -7.05 4.12 -25.80
N LEU A 204 -6.99 2.85 -25.39
CA LEU A 204 -6.71 1.79 -26.36
C LEU A 204 -7.82 1.66 -27.37
N THR A 205 -9.08 1.68 -26.94
CA THR A 205 -10.16 1.51 -27.90
C THR A 205 -10.27 2.71 -28.83
N TYR A 206 -10.07 3.93 -28.32
CA TYR A 206 -10.12 5.08 -29.22
C TYR A 206 -9.01 5.01 -30.26
N CYS A 207 -7.79 4.69 -29.84
CA CYS A 207 -6.68 4.68 -30.80
C CYS A 207 -6.84 3.55 -31.80
N TYR A 208 -7.36 2.40 -31.39
CA TYR A 208 -7.52 1.30 -32.33
C TYR A 208 -8.63 1.60 -33.33
N ILE A 209 -9.76 2.13 -32.86
CA ILE A 209 -10.86 2.41 -33.77
C ILE A 209 -10.58 3.61 -34.66
N LEU A 210 -9.54 4.40 -34.37
CA LEU A 210 -9.18 5.47 -35.27
C LEU A 210 -8.03 5.11 -36.21
N ILE A 211 -7.10 4.24 -35.80
CA ILE A 211 -6.01 3.83 -36.68
C ILE A 211 -6.33 2.60 -37.50
N SER A 212 -7.44 1.91 -37.24
CA SER A 212 -7.74 0.68 -37.95
C SER A 212 -8.59 0.89 -39.19
N GLY A 213 -9.47 1.88 -39.19
CA GLY A 213 -10.34 2.11 -40.34
C GLY A 213 -10.00 3.32 -41.17
N PHE A 214 -8.77 3.83 -41.04
CA PHE A 214 -8.43 5.09 -41.72
C PHE A 214 -8.34 4.91 -43.23
N ARG A 215 -7.72 3.84 -43.70
CA ARG A 215 -7.44 3.69 -45.12
C ARG A 215 -8.55 2.99 -45.89
N THR A 216 -9.70 2.77 -45.26
CA THR A 216 -10.82 2.12 -45.94
C THR A 216 -12.17 2.78 -45.70
N GLY A 217 -12.37 3.47 -44.59
CA GLY A 217 -13.66 4.04 -44.25
C GLY A 217 -14.58 3.11 -43.49
N GLN A 218 -14.15 1.89 -43.21
CA GLN A 218 -14.97 0.90 -42.51
C GLN A 218 -14.83 1.10 -41.00
N PHE A 219 -15.41 2.20 -40.52
CA PHE A 219 -15.34 2.51 -39.11
C PHE A 219 -16.40 1.76 -38.31
N ILE A 220 -17.57 1.54 -38.90
CA ILE A 220 -18.64 0.82 -38.21
C ILE A 220 -18.54 -0.69 -38.40
N GLU A 221 -17.73 -1.15 -39.34
CA GLU A 221 -17.50 -2.57 -39.55
C GLU A 221 -16.28 -3.07 -38.79
N VAL A 222 -15.63 -2.20 -38.01
CA VAL A 222 -14.52 -2.60 -37.16
C VAL A 222 -14.89 -2.55 -35.68
N ALA A 223 -15.95 -1.83 -35.32
CA ALA A 223 -16.40 -1.73 -33.94
C ALA A 223 -17.53 -2.68 -33.63
N ILE A 224 -18.04 -3.40 -34.62
CA ILE A 224 -19.10 -4.38 -34.41
C ILE A 224 -18.59 -5.81 -34.51
N SER A 225 -17.47 -6.05 -35.20
CA SER A 225 -16.90 -7.38 -35.31
C SER A 225 -15.94 -7.71 -34.17
N ARG A 226 -15.55 -6.71 -33.39
CA ARG A 226 -14.64 -6.90 -32.27
C ARG A 226 -15.34 -6.81 -30.92
N PHE A 227 -16.65 -6.60 -30.91
CA PHE A 227 -17.43 -6.54 -29.67
C PHE A 227 -18.10 -7.87 -29.34
N LEU A 228 -18.26 -8.75 -30.32
CA LEU A 228 -18.84 -10.05 -30.03
C LEU A 228 -17.79 -11.01 -29.45
N LEU A 229 -16.51 -10.83 -29.79
CA LEU A 229 -15.49 -11.64 -29.15
C LEU A 229 -15.27 -11.19 -27.72
N ILE A 230 -15.52 -9.92 -27.43
CA ILE A 230 -15.41 -9.46 -26.05
C ILE A 230 -16.65 -9.86 -25.27
N ALA A 231 -17.79 -10.01 -25.94
CA ALA A 231 -18.96 -10.51 -25.22
C ALA A 231 -18.81 -11.99 -24.93
N LEU A 232 -18.21 -12.74 -25.87
CA LEU A 232 -17.91 -14.15 -25.64
C LEU A 232 -16.98 -14.32 -24.46
N GLY A 233 -15.90 -13.52 -24.41
CA GLY A 233 -14.97 -13.63 -23.31
C GLY A 233 -15.58 -13.25 -21.98
N ALA A 234 -16.38 -12.19 -21.95
CA ALA A 234 -16.97 -11.76 -20.68
C ALA A 234 -18.01 -12.76 -20.20
N GLY A 235 -18.79 -13.32 -21.12
CA GLY A 235 -19.78 -14.31 -20.71
C GLY A 235 -19.16 -15.58 -20.16
N VAL A 236 -18.15 -16.12 -20.86
CA VAL A 236 -17.47 -17.30 -20.35
C VAL A 236 -16.82 -17.04 -19.00
N SER A 237 -16.13 -15.90 -18.86
CA SER A 237 -15.49 -15.59 -17.59
C SER A 237 -16.51 -15.44 -16.46
N LEU A 238 -17.64 -14.78 -16.71
CA LEU A 238 -18.65 -14.63 -15.68
C LEU A 238 -19.29 -15.95 -15.29
N GLY A 239 -19.62 -16.80 -16.26
CA GLY A 239 -20.21 -18.09 -15.92
C GLY A 239 -19.27 -19.00 -15.15
N VAL A 240 -17.99 -19.04 -15.54
CA VAL A 240 -17.05 -19.89 -14.82
C VAL A 240 -16.73 -19.33 -13.44
N ASN A 241 -16.62 -18.02 -13.30
CA ASN A 241 -16.33 -17.44 -11.99
C ASN A 241 -17.51 -17.60 -11.03
N MET A 242 -18.73 -17.29 -11.50
CA MET A 242 -19.89 -17.31 -10.61
C MET A 242 -20.43 -18.71 -10.32
N PHE A 243 -20.21 -19.71 -11.17
CA PHE A 243 -20.85 -21.00 -10.94
C PHE A 243 -19.94 -22.11 -10.46
N ILE A 244 -18.62 -21.96 -10.51
CA ILE A 244 -17.71 -22.97 -9.97
C ILE A 244 -16.98 -22.37 -8.77
N TYR A 245 -17.41 -22.77 -7.57
CA TYR A 245 -16.83 -22.35 -6.30
C TYR A 245 -16.69 -20.84 -6.13
N PRO A 246 -17.79 -20.13 -5.96
CA PRO A 246 -17.71 -18.67 -5.81
C PRO A 246 -17.01 -18.26 -4.51
N ILE A 247 -16.25 -17.18 -4.59
CA ILE A 247 -15.58 -16.58 -3.44
C ILE A 247 -16.24 -15.24 -3.15
N TRP A 248 -16.69 -15.05 -1.91
CA TRP A 248 -17.43 -13.87 -1.50
C TRP A 248 -16.55 -12.96 -0.65
N ALA A 249 -16.74 -11.64 -0.82
CA ALA A 249 -15.97 -10.66 -0.05
C ALA A 249 -16.53 -10.38 1.34
N GLY A 250 -17.80 -10.67 1.58
CA GLY A 250 -18.35 -10.47 2.92
C GLY A 250 -17.77 -11.47 3.92
N GLU A 251 -17.55 -12.70 3.46
CA GLU A 251 -16.90 -13.68 4.33
C GLU A 251 -15.45 -13.30 4.58
N ASP A 252 -14.80 -12.69 3.58
CA ASP A 252 -13.44 -12.21 3.77
C ASP A 252 -13.38 -11.12 4.84
N LEU A 253 -14.36 -10.21 4.83
CA LEU A 253 -14.39 -9.15 5.83
C LEU A 253 -14.66 -9.72 7.23
N HIS A 254 -15.61 -10.66 7.33
CA HIS A 254 -15.92 -11.28 8.62
C HIS A 254 -14.69 -11.99 9.18
N ASN A 255 -13.97 -12.72 8.34
CA ASN A 255 -12.81 -13.46 8.80
C ASN A 255 -11.67 -12.52 9.17
N LEU A 256 -11.53 -11.41 8.45
CA LEU A 256 -10.51 -10.43 8.79
C LEU A 256 -10.76 -9.83 10.17
N VAL A 257 -12.02 -9.52 10.47
CA VAL A 257 -12.33 -8.96 11.78
C VAL A 257 -12.01 -9.95 12.89
N VAL A 258 -12.39 -11.22 12.70
CA VAL A 258 -12.10 -12.21 13.74
C VAL A 258 -10.60 -12.38 13.94
N LYS A 259 -9.84 -12.44 12.83
CA LYS A 259 -8.40 -12.62 12.93
C LYS A 259 -7.73 -11.45 13.64
N ASN A 260 -8.21 -10.22 13.39
CA ASN A 260 -7.63 -9.07 14.06
C ASN A 260 -7.90 -9.12 15.56
N PHE A 261 -9.10 -9.55 15.94
CA PHE A 261 -9.40 -9.68 17.37
C PHE A 261 -8.46 -10.68 18.04
N MET A 262 -8.14 -11.78 17.35
CA MET A 262 -7.22 -12.75 17.96
C MET A 262 -5.78 -12.20 18.04
N ASN A 263 -5.34 -11.50 17.00
CA ASN A 263 -3.96 -11.01 16.95
C ASN A 263 -3.70 -9.99 18.04
N VAL A 264 -4.65 -9.09 18.29
CA VAL A 264 -4.40 -8.06 19.31
C VAL A 264 -4.21 -8.68 20.69
N ALA A 265 -4.98 -9.75 20.99
CA ALA A 265 -4.82 -10.41 22.27
C ALA A 265 -3.47 -11.10 22.38
N THR A 266 -3.01 -11.73 21.29
CA THR A 266 -1.71 -12.38 21.37
C THR A 266 -0.59 -11.36 21.58
N SER A 267 -0.69 -10.20 20.90
CA SER A 267 0.32 -9.17 21.11
C SER A 267 0.29 -8.62 22.53
N LEU A 268 -0.90 -8.43 23.08
CA LEU A 268 -0.99 -7.92 24.45
C LEU A 268 -0.33 -8.87 25.43
N GLU A 269 -0.55 -10.17 25.29
CA GLU A 269 0.10 -11.11 26.20
C GLU A 269 1.62 -11.09 26.00
N GLY A 270 2.06 -11.04 24.74
CA GLY A 270 3.49 -11.07 24.47
C GLY A 270 4.22 -9.88 25.07
N CYS A 271 3.60 -8.69 25.05
CA CYS A 271 4.29 -7.51 25.54
C CYS A 271 4.60 -7.63 27.04
N VAL A 272 3.60 -7.99 27.83
CA VAL A 272 3.83 -8.09 29.28
C VAL A 272 4.79 -9.23 29.59
N ASN A 273 4.66 -10.36 28.89
CA ASN A 273 5.59 -11.46 29.16
C ASN A 273 7.02 -11.06 28.83
N GLY A 274 7.22 -10.35 27.72
CA GLY A 274 8.56 -9.89 27.38
C GLY A 274 9.11 -8.88 28.36
N TYR A 275 8.24 -7.99 28.87
CA TYR A 275 8.72 -6.98 29.81
C TYR A 275 9.10 -7.60 31.17
N LEU A 276 8.39 -8.63 31.61
CA LEU A 276 8.67 -9.20 32.93
C LEU A 276 9.66 -10.36 32.88
N ARG A 277 10.25 -10.64 31.71
CA ARG A 277 11.22 -11.72 31.61
C ARG A 277 12.48 -11.40 32.41
N CYS A 278 13.04 -12.42 33.03
CA CYS A 278 14.28 -12.27 33.81
C CYS A 278 15.50 -12.63 32.96
N VAL A 298 5.24 -10.24 18.40
CA VAL A 298 4.61 -9.02 18.91
C VAL A 298 4.26 -8.09 17.76
N TYR A 299 5.18 -7.99 16.79
CA TYR A 299 4.98 -7.07 15.67
C TYR A 299 3.75 -7.47 14.85
N LYS A 300 3.65 -8.76 14.50
CA LYS A 300 2.63 -9.19 13.55
C LYS A 300 1.23 -8.78 13.99
N GLY A 301 0.94 -8.85 15.28
CA GLY A 301 -0.43 -8.62 15.72
C GLY A 301 -0.91 -7.19 15.55
N TYR A 302 -0.32 -6.27 16.31
CA TYR A 302 -0.74 -4.88 16.20
C TYR A 302 -0.40 -4.32 14.81
N ARG A 303 0.71 -4.75 14.21
CA ARG A 303 1.05 -4.25 12.88
C ARG A 303 0.04 -4.68 11.83
N SER A 304 -0.60 -5.85 12.01
CA SER A 304 -1.67 -6.26 11.11
C SER A 304 -2.98 -5.55 11.44
N ALA A 305 -3.24 -5.31 12.72
CA ALA A 305 -4.51 -4.71 13.13
C ALA A 305 -4.51 -3.19 13.02
N VAL A 306 -3.38 -2.57 12.68
CA VAL A 306 -3.30 -1.13 12.53
C VAL A 306 -3.01 -0.70 11.09
N GLU A 307 -2.71 -1.64 10.19
CA GLU A 307 -2.32 -1.31 8.83
C GLU A 307 -3.18 -2.05 7.81
N SER A 308 -4.48 -2.16 8.06
CA SER A 308 -5.37 -2.88 7.16
C SER A 308 -6.66 -2.15 6.85
N THR A 309 -6.81 -0.89 7.29
CA THR A 309 -8.05 -0.16 7.05
C THR A 309 -8.40 -0.12 5.56
N SER A 310 -7.39 -0.01 4.71
CA SER A 310 -7.64 0.02 3.27
C SER A 310 -8.22 -1.31 2.79
N GLN A 311 -7.72 -2.42 3.33
CA GLN A 311 -8.26 -3.72 2.94
C GLN A 311 -9.72 -3.86 3.33
N GLU A 312 -10.09 -3.38 4.52
CA GLU A 312 -11.48 -3.44 4.93
C GLU A 312 -12.35 -2.53 4.08
N GLU A 313 -11.83 -1.37 3.69
CA GLU A 313 -12.62 -0.48 2.85
C GLU A 313 -12.82 -1.07 1.46
N SER A 314 -11.80 -1.73 0.91
CA SER A 314 -11.95 -2.37 -0.39
C SER A 314 -12.94 -3.52 -0.32
N LEU A 315 -12.85 -4.36 0.72
CA LEU A 315 -13.77 -5.48 0.84
C LEU A 315 -15.20 -4.99 1.03
N MET A 316 -15.39 -3.90 1.77
CA MET A 316 -16.72 -3.34 1.90
C MET A 316 -17.22 -2.75 0.57
N SER A 317 -16.32 -2.19 -0.24
CA SER A 317 -16.73 -1.67 -1.53
C SER A 317 -17.10 -2.78 -2.50
N PHE A 318 -16.53 -3.97 -2.33
CA PHE A 318 -16.83 -5.09 -3.21
C PHE A 318 -18.07 -5.87 -2.79
N ALA A 319 -18.37 -5.89 -1.49
CA ALA A 319 -19.44 -6.73 -0.95
C ALA A 319 -20.84 -6.17 -1.19
N ILE A 320 -20.95 -4.91 -1.64
CA ILE A 320 -22.26 -4.33 -1.86
C ILE A 320 -22.86 -4.75 -3.19
N TRP A 321 -22.04 -5.26 -4.12
CA TRP A 321 -22.52 -5.69 -5.43
C TRP A 321 -23.02 -7.12 -5.44
N GLU A 322 -22.69 -7.92 -4.43
CA GLU A 322 -23.02 -9.33 -4.37
C GLU A 322 -24.46 -9.56 -3.91
N PRO A 323 -25.11 -10.60 -4.41
CA PRO A 323 -26.50 -10.89 -4.03
C PRO A 323 -26.57 -11.62 -2.70
N PRO A 324 -27.74 -11.63 -2.07
CA PRO A 324 -27.87 -12.30 -0.77
C PRO A 324 -27.61 -13.80 -0.86
N HIS A 325 -26.85 -14.32 0.11
CA HIS A 325 -26.49 -15.72 0.13
C HIS A 325 -26.19 -16.14 1.57
N GLY A 326 -26.41 -17.43 1.85
CA GLY A 326 -26.10 -18.02 3.12
C GLY A 326 -26.69 -17.28 4.31
N PRO A 327 -25.86 -16.97 5.31
CA PRO A 327 -26.37 -16.29 6.50
C PRO A 327 -26.64 -14.81 6.30
N TYR A 328 -26.08 -14.21 5.24
CA TYR A 328 -26.22 -12.78 4.99
C TYR A 328 -27.44 -12.55 4.09
N LYS A 329 -28.60 -12.84 4.68
CA LYS A 329 -29.89 -12.77 3.96
C LYS A 329 -30.57 -11.45 4.27
N SER A 330 -30.32 -10.45 3.42
CA SER A 330 -30.98 -9.15 3.53
C SER A 330 -30.62 -8.34 2.30
N PHE A 331 -31.51 -7.43 1.93
CA PHE A 331 -31.30 -6.64 0.71
C PHE A 331 -30.12 -5.69 0.87
N ASN A 332 -30.00 -5.05 2.04
CA ASN A 332 -28.88 -4.15 2.34
C ASN A 332 -28.25 -4.58 3.66
N TYR A 333 -27.27 -5.48 3.58
CA TYR A 333 -26.57 -5.91 4.79
C TYR A 333 -25.75 -4.75 5.34
N PRO A 334 -25.81 -4.48 6.63
CA PRO A 334 -25.02 -3.39 7.21
C PRO A 334 -23.53 -3.69 7.28
N TRP A 335 -22.86 -3.77 6.13
CA TRP A 335 -21.43 -4.03 6.09
C TRP A 335 -20.60 -2.90 6.69
N LYS A 336 -21.19 -1.73 6.91
CA LYS A 336 -20.47 -0.58 7.45
C LYS A 336 -20.34 -0.61 8.97
N ASN A 337 -20.99 -1.54 9.65
CA ASN A 337 -20.85 -1.67 11.10
C ASN A 337 -19.70 -2.58 11.51
N TYR A 338 -19.06 -3.24 10.55
CA TYR A 338 -17.85 -4.00 10.82
C TYR A 338 -16.63 -3.08 10.88
N VAL A 339 -16.62 -2.06 10.01
CA VAL A 339 -15.51 -1.12 9.96
C VAL A 339 -15.43 -0.29 11.24
N LYS A 340 -16.58 0.05 11.83
CA LYS A 340 -16.56 0.80 13.07
C LYS A 340 -15.90 0.01 14.20
N LEU A 341 -16.21 -1.28 14.30
CA LEU A 341 -15.59 -2.12 15.31
C LEU A 341 -14.11 -2.29 15.03
N SER A 342 -13.73 -2.41 13.75
CA SER A 342 -12.31 -2.49 13.42
C SER A 342 -11.58 -1.21 13.81
N GLY A 343 -12.20 -0.05 13.62
CA GLY A 343 -11.57 1.20 14.01
C GLY A 343 -11.42 1.34 15.52
N ALA A 344 -12.43 0.90 16.27
CA ALA A 344 -12.32 0.91 17.72
C ALA A 344 -11.17 0.00 18.18
N LEU A 345 -11.01 -1.14 17.51
CA LEU A 345 -9.92 -2.05 17.89
C LEU A 345 -8.56 -1.47 17.51
N LYS A 346 -8.47 -0.71 16.41
CA LYS A 346 -7.22 -0.06 16.07
C LYS A 346 -6.86 1.02 17.09
N HIS A 347 -7.86 1.76 17.57
CA HIS A 347 -7.61 2.74 18.61
C HIS A 347 -7.14 2.06 19.89
N CYS A 348 -7.65 0.86 20.17
CA CYS A 348 -7.17 0.13 21.34
C CYS A 348 -5.76 -0.44 21.13
N ALA A 349 -5.39 -0.74 19.88
CA ALA A 349 -4.09 -1.34 19.59
C ALA A 349 -2.94 -0.33 19.53
N PHE A 350 -3.24 0.96 19.36
CA PHE A 350 -2.13 1.92 19.41
C PHE A 350 -1.42 1.95 20.77
N THR A 351 -2.10 1.53 21.84
CA THR A 351 -1.45 1.50 23.14
C THR A 351 -0.58 0.27 23.30
N VAL A 352 -0.93 -0.85 22.67
CA VAL A 352 -0.05 -2.00 22.71
C VAL A 352 1.18 -1.72 21.86
N MET A 353 1.03 -0.94 20.79
CA MET A 353 2.22 -0.54 20.04
C MET A 353 3.10 0.40 20.87
N ALA A 354 2.50 1.24 21.71
CA ALA A 354 3.33 2.10 22.56
C ALA A 354 4.00 1.31 23.68
N LEU A 355 3.40 0.22 24.13
CA LEU A 355 4.07 -0.61 25.14
C LEU A 355 5.20 -1.43 24.53
N HIS A 356 5.04 -1.84 23.27
CA HIS A 356 6.15 -2.51 22.60
C HIS A 356 7.30 -1.54 22.37
N GLY A 357 6.97 -0.29 22.02
CA GLY A 357 8.02 0.72 21.93
C GLY A 357 8.68 0.99 23.27
N CYS A 358 7.93 0.84 24.36
CA CYS A 358 8.53 0.94 25.69
C CYS A 358 9.52 -0.18 25.96
N ILE A 359 9.27 -1.38 25.42
CA ILE A 359 10.22 -2.46 25.66
C ILE A 359 11.56 -2.22 24.97
N LEU A 360 11.56 -1.56 23.81
CA LEU A 360 12.78 -1.36 23.02
C LEU A 360 13.43 0.00 23.27
N SER A 361 13.22 0.59 24.44
CA SER A 361 13.76 1.92 24.69
C SER A 361 15.23 1.87 25.07
N GLU A 362 15.88 3.03 25.02
CA GLU A 362 17.30 3.12 25.33
C GLU A 362 17.54 3.23 26.83
N ILE A 363 16.57 3.75 27.57
CA ILE A 363 16.65 3.88 29.02
C ILE A 363 15.70 2.84 29.63
N GLN A 364 16.24 2.00 30.52
CA GLN A 364 15.47 0.93 31.14
C GLN A 364 15.65 0.97 32.65
N ALA A 365 14.63 0.46 33.37
CA ALA A 365 14.58 0.39 34.83
C ALA A 365 15.21 -0.90 35.34
N PRO A 366 15.72 -0.88 36.57
CA PRO A 366 16.34 -2.09 37.12
C PRO A 366 15.33 -3.20 37.38
N GLU A 367 15.81 -4.43 37.22
CA GLU A 367 14.94 -5.60 37.39
C GLU A 367 14.41 -5.71 38.81
N GLU A 368 15.23 -5.37 39.80
CA GLU A 368 14.82 -5.51 41.19
C GLU A 368 13.57 -4.69 41.48
N ARG A 369 13.46 -3.51 40.87
CA ARG A 369 12.26 -2.70 41.02
C ARG A 369 11.12 -3.17 40.13
N ARG A 370 11.42 -3.85 39.02
CA ARG A 370 10.37 -4.39 38.17
C ARG A 370 9.64 -5.53 38.86
N GLN A 371 10.36 -6.36 39.61
CA GLN A 371 9.76 -7.55 40.18
C GLN A 371 8.80 -7.25 41.32
N VAL A 372 8.75 -6.00 41.81
CA VAL A 372 7.81 -5.65 42.86
C VAL A 372 6.37 -5.59 42.37
N PHE A 373 6.13 -5.39 41.07
CA PHE A 373 4.78 -5.23 40.53
C PHE A 373 4.39 -6.34 39.57
N ARG A 374 4.99 -7.53 39.69
CA ARG A 374 4.76 -8.60 38.73
C ARG A 374 3.31 -9.07 38.73
N GLN A 375 2.75 -9.28 39.93
CA GLN A 375 1.44 -9.92 40.05
C GLN A 375 0.34 -9.10 39.39
N GLU A 376 0.33 -7.78 39.64
CA GLU A 376 -0.75 -6.94 39.12
C GLU A 376 -0.69 -6.84 37.61
N LEU A 377 0.52 -6.76 37.05
CA LEU A 377 0.64 -6.65 35.60
C LEU A 377 0.23 -7.96 34.94
N GLN A 378 0.60 -9.10 35.54
CA GLN A 378 0.19 -10.37 34.97
C GLN A 378 -1.32 -10.53 35.01
N ARG A 379 -1.95 -10.10 36.11
CA ARG A 379 -3.40 -10.20 36.22
C ARG A 379 -4.09 -9.33 35.16
N VAL A 380 -3.62 -8.10 34.98
CA VAL A 380 -4.26 -7.23 34.01
C VAL A 380 -4.09 -7.75 32.59
N GLY A 381 -2.94 -8.36 32.29
CA GLY A 381 -2.75 -8.94 30.96
C GLY A 381 -3.65 -10.14 30.72
N VAL A 382 -3.76 -11.03 31.72
CA VAL A 382 -4.63 -12.19 31.58
C VAL A 382 -6.07 -11.75 31.36
N GLU A 383 -6.54 -10.77 32.14
CA GLU A 383 -7.92 -10.34 32.02
C GLU A 383 -8.20 -9.70 30.66
N GLY A 384 -7.29 -8.85 30.18
CA GLY A 384 -7.53 -8.20 28.90
C GLY A 384 -7.51 -9.18 27.74
N ALA A 385 -6.63 -10.19 27.81
CA ALA A 385 -6.58 -11.17 26.73
C ALA A 385 -7.83 -12.04 26.74
N LYS A 386 -8.31 -12.41 27.93
CA LYS A 386 -9.54 -13.20 28.00
C LYS A 386 -10.72 -12.42 27.44
N LEU A 387 -10.80 -11.12 27.76
CA LEU A 387 -11.91 -10.33 27.25
C LEU A 387 -11.87 -10.21 25.73
N LEU A 388 -10.68 -9.96 25.17
CA LEU A 388 -10.60 -9.83 23.72
C LEU A 388 -10.94 -11.14 23.01
N ARG A 389 -10.50 -12.27 23.59
CA ARG A 389 -10.81 -13.55 22.95
C ARG A 389 -12.29 -13.90 23.05
N GLU A 390 -12.93 -13.52 24.17
CA GLU A 390 -14.36 -13.72 24.28
C GLU A 390 -15.13 -12.90 23.23
N LEU A 391 -14.74 -11.64 23.05
CA LEU A 391 -15.41 -10.83 22.03
C LEU A 391 -15.16 -11.37 20.62
N GLY A 392 -13.97 -11.93 20.37
CA GLY A 392 -13.73 -12.52 19.05
C GLY A 392 -14.59 -13.74 18.80
N GLU A 393 -14.76 -14.59 19.82
CA GLU A 393 -15.60 -15.76 19.66
C GLU A 393 -17.07 -15.39 19.55
N LYS A 394 -17.49 -14.30 20.20
CA LYS A 394 -18.86 -13.86 20.04
C LYS A 394 -19.11 -13.26 18.67
N VAL A 395 -18.11 -12.58 18.09
CA VAL A 395 -18.27 -12.07 16.74
C VAL A 395 -18.33 -13.20 15.73
N LYS A 396 -17.48 -14.21 15.88
CA LYS A 396 -17.42 -15.28 14.88
C LYS A 396 -18.72 -16.07 14.82
N LYS A 397 -19.32 -16.37 15.96
CA LYS A 397 -20.54 -17.17 15.99
C LYS A 397 -21.82 -16.37 15.76
N MET A 398 -21.73 -15.06 15.59
CA MET A 398 -22.90 -14.20 15.38
C MET A 398 -23.92 -14.38 16.52
N GLU A 399 -23.49 -14.00 17.73
CA GLU A 399 -24.29 -14.16 18.93
C GLU A 399 -24.26 -12.87 19.75
N LYS A 400 -25.32 -12.68 20.54
CA LYS A 400 -25.45 -11.50 21.38
C LYS A 400 -24.73 -11.69 22.71
N LEU A 401 -24.49 -10.57 23.39
CA LEU A 401 -23.89 -10.59 24.72
C LEU A 401 -24.92 -11.01 25.76
N GLY A 402 -24.43 -11.66 26.82
CA GLY A 402 -25.29 -12.16 27.87
C GLY A 402 -25.62 -11.09 28.90
N PRO A 403 -26.24 -11.50 30.01
CA PRO A 403 -26.65 -10.52 31.03
C PRO A 403 -25.50 -9.99 31.88
N VAL A 404 -24.55 -10.87 32.21
CA VAL A 404 -23.47 -10.49 33.12
C VAL A 404 -22.55 -9.46 32.46
N ASP A 405 -21.97 -8.59 33.28
CA ASP A 405 -21.02 -7.60 32.80
C ASP A 405 -19.69 -8.25 32.45
N LEU A 406 -19.12 -7.85 31.32
CA LEU A 406 -17.88 -8.43 30.82
C LEU A 406 -16.63 -7.67 31.23
N LEU A 407 -16.76 -6.51 31.89
CA LEU A 407 -15.62 -5.67 32.21
C LEU A 407 -15.33 -5.59 33.71
N PHE A 408 -15.97 -6.44 34.52
CA PHE A 408 -15.86 -6.34 35.97
C PHE A 408 -14.46 -6.75 36.47
N GLU A 409 -13.93 -7.85 35.96
CA GLU A 409 -12.65 -8.34 36.48
C GLU A 409 -11.46 -7.49 36.03
N VAL A 410 -11.48 -6.99 34.80
CA VAL A 410 -10.40 -6.11 34.37
C VAL A 410 -10.49 -4.77 35.09
N HIS A 411 -11.71 -4.35 35.43
CA HIS A 411 -11.88 -3.10 36.17
C HIS A 411 -11.43 -3.25 37.61
N LEU A 412 -11.47 -4.48 38.14
CA LEU A 412 -10.97 -4.69 39.50
C LEU A 412 -9.46 -4.84 39.51
N ALA A 413 -8.91 -5.49 38.48
CA ALA A 413 -7.46 -5.61 38.37
C ALA A 413 -6.79 -4.25 38.24
N ALA A 414 -7.40 -3.34 37.46
CA ALA A 414 -6.78 -2.02 37.31
C ALA A 414 -6.78 -1.25 38.63
N GLU A 415 -7.83 -1.39 39.43
CA GLU A 415 -7.85 -0.74 40.74
C GLU A 415 -6.81 -1.34 41.67
N GLU A 416 -6.61 -2.66 41.61
CA GLU A 416 -5.58 -3.27 42.44
C GLU A 416 -4.20 -2.76 42.05
N LEU A 417 -3.94 -2.64 40.74
CA LEU A 417 -2.66 -2.09 40.29
C LEU A 417 -2.47 -0.65 40.76
N GLN A 418 -3.52 0.16 40.68
CA GLN A 418 -3.43 1.54 41.15
C GLN A 418 -3.10 1.59 42.64
N HIS A 419 -3.78 0.78 43.44
CA HIS A 419 -3.51 0.78 44.88
C HIS A 419 -2.07 0.36 45.16
N LYS A 420 -1.58 -0.66 44.45
CA LYS A 420 -0.21 -1.10 44.66
C LYS A 420 0.78 0.00 44.31
N ILE A 421 0.58 0.67 43.18
CA ILE A 421 1.47 1.76 42.80
C ILE A 421 1.43 2.87 43.85
N ASP A 422 0.25 3.15 44.39
CA ASP A 422 0.13 4.18 45.42
C ASP A 422 0.90 3.79 46.68
N LYS A 423 1.00 2.50 46.98
CA LYS A 423 1.66 2.08 48.21
C LYS A 423 3.19 2.08 48.10
N LYS A 424 3.75 2.03 46.89
CA LYS A 424 5.20 1.96 46.73
C LYS A 424 5.74 3.05 45.81
N SER A 425 5.04 4.18 45.72
CA SER A 425 5.46 5.24 44.81
C SER A 425 6.84 5.80 45.15
N TYR A 426 7.35 5.55 46.36
CA TYR A 426 8.66 6.09 46.73
C TYR A 426 9.79 5.46 45.95
N LEU A 427 9.55 4.38 45.23
CA LEU A 427 10.58 3.73 44.42
C LEU A 427 10.68 4.32 43.02
N LEU A 428 9.81 5.26 42.66
CA LEU A 428 9.81 5.84 41.32
C LEU A 428 10.35 7.26 41.27
N VAL A 429 10.46 7.94 42.41
CA VAL A 429 10.96 9.32 42.45
C VAL A 429 12.06 9.41 43.49
N ASN A 430 12.75 10.55 43.48
CA ASN A 430 13.80 10.86 44.44
C ASN A 430 13.23 11.85 45.45
N SER A 431 13.13 11.45 46.71
CA SER A 431 12.50 12.30 47.71
C SER A 431 13.51 13.07 48.54
N GLU A 432 14.76 13.10 48.12
CA GLU A 432 15.79 13.77 48.88
C GLU A 432 16.08 15.13 48.31
N CYS A 433 15.35 15.53 47.28
CA CYS A 433 15.60 16.81 46.64
C CYS A 433 14.36 17.67 46.63
N TRP A 434 13.33 17.24 47.35
CA TRP A 434 12.07 17.98 47.29
C TRP A 434 12.17 19.39 47.83
N GLU A 435 11.71 20.35 47.06
CA GLU A 435 11.75 21.75 47.47
C GLU A 435 10.49 22.47 47.03
N LYS A 527 22.33 10.97 39.24
CA LYS A 527 22.53 11.14 37.80
C LYS A 527 21.19 11.21 37.07
N THR A 528 21.21 11.76 35.86
CA THR A 528 19.99 11.83 35.05
C THR A 528 19.52 10.44 34.64
N TYR A 529 20.46 9.55 34.30
CA TYR A 529 20.08 8.23 33.82
C TYR A 529 19.32 7.45 34.88
N GLU A 530 19.76 7.54 36.14
CA GLU A 530 19.09 6.80 37.21
C GLU A 530 17.66 7.30 37.40
N SER A 531 17.47 8.63 37.41
CA SER A 531 16.14 9.18 37.54
C SER A 531 15.23 8.76 36.39
N ALA A 532 15.76 8.78 35.16
CA ALA A 532 14.94 8.39 34.01
C ALA A 532 14.59 6.89 34.09
N SER A 533 15.54 6.06 34.51
CA SER A 533 15.27 4.64 34.65
C SER A 533 14.18 4.40 35.68
N ALA A 534 14.23 5.13 36.79
CA ALA A 534 13.17 5.01 37.79
C ALA A 534 11.83 5.45 37.24
N LEU A 535 11.81 6.54 36.46
CA LEU A 535 10.56 7.09 35.94
C LEU A 535 9.97 6.27 34.79
N SER A 536 10.73 5.36 34.18
CA SER A 536 10.17 4.57 33.07
C SER A 536 9.10 3.57 33.52
N LEU A 537 9.23 3.05 34.74
CA LEU A 537 8.27 2.06 35.23
C LEU A 537 6.87 2.67 35.36
N ALA A 538 6.80 3.92 35.79
CA ALA A 538 5.50 4.58 35.88
C ALA A 538 4.90 4.83 34.51
N THR A 539 5.74 4.93 33.48
CA THR A 539 5.22 5.12 32.13
C THR A 539 4.63 3.82 31.61
N PHE A 540 5.30 2.70 31.90
CA PHE A 540 4.75 1.40 31.53
C PHE A 540 3.40 1.16 32.22
N ALA A 541 3.34 1.46 33.52
CA ALA A 541 2.08 1.27 34.26
C ALA A 541 0.97 2.17 33.73
N SER A 542 1.28 3.44 33.47
CA SER A 542 0.27 4.36 32.96
C SER A 542 -0.25 3.93 31.60
N LEU A 543 0.63 3.39 30.75
CA LEU A 543 0.17 2.95 29.44
C LEU A 543 -0.73 1.73 29.55
N LEU A 544 -0.46 0.85 30.52
CA LEU A 544 -1.37 -0.28 30.73
C LEU A 544 -2.73 0.19 31.25
N ILE A 545 -2.73 1.21 32.11
CA ILE A 545 -4.00 1.73 32.61
C ILE A 545 -4.80 2.39 31.49
N GLU A 546 -4.12 3.06 30.56
CA GLU A 546 -4.82 3.66 29.43
C GLU A 546 -5.41 2.59 28.51
N PHE A 547 -4.66 1.50 28.29
CA PHE A 547 -5.21 0.41 27.50
C PHE A 547 -6.46 -0.15 28.16
N VAL A 548 -6.45 -0.29 29.48
CA VAL A 548 -7.64 -0.82 30.14
C VAL A 548 -8.80 0.18 30.05
N ALA A 549 -8.50 1.48 30.01
CA ALA A 549 -9.56 2.47 29.92
C ALA A 549 -10.18 2.59 28.53
N ARG A 550 -9.52 2.11 27.49
CA ARG A 550 -10.06 2.27 26.13
C ARG A 550 -11.00 1.15 25.64
N LEU A 551 -11.41 0.20 26.48
CA LEU A 551 -12.20 -0.94 26.01
C LEU A 551 -13.71 -0.70 25.93
N GLN A 552 -14.23 0.31 26.62
CA GLN A 552 -15.67 0.57 26.62
C GLN A 552 -16.16 0.91 25.22
N ASN A 553 -15.35 1.61 24.43
CA ASN A 553 -15.77 1.99 23.08
C ASN A 553 -15.92 0.77 22.20
N VAL A 554 -15.04 -0.21 22.37
CA VAL A 554 -15.13 -1.43 21.57
C VAL A 554 -16.35 -2.24 21.97
N VAL A 555 -16.68 -2.24 23.27
CA VAL A 555 -17.88 -2.97 23.70
C VAL A 555 -19.14 -2.29 23.17
N ASP A 556 -19.14 -0.96 23.10
CA ASP A 556 -20.30 -0.26 22.56
C ASP A 556 -20.44 -0.49 21.06
N ALA A 557 -19.33 -0.51 20.33
CA ALA A 557 -19.41 -0.79 18.89
C ALA A 557 -19.91 -2.21 18.65
N PHE A 558 -19.49 -3.16 19.49
CA PHE A 558 -20.00 -4.52 19.34
C PHE A 558 -21.50 -4.57 19.58
N LYS A 559 -22.00 -3.87 20.61
CA LYS A 559 -23.43 -3.89 20.85
C LYS A 559 -24.20 -3.27 19.68
N GLU A 560 -23.65 -2.21 19.08
CA GLU A 560 -24.32 -1.59 17.94
C GLU A 560 -24.38 -2.56 16.76
N LEU A 561 -23.28 -3.24 16.47
CA LEU A 561 -23.30 -4.21 15.38
C LEU A 561 -24.26 -5.35 15.67
N SER A 562 -24.26 -5.86 16.90
CA SER A 562 -25.15 -6.96 17.24
C SER A 562 -26.61 -6.56 17.18
N GLN A 563 -26.91 -5.26 17.29
CA GLN A 563 -28.31 -4.85 17.18
C GLN A 563 -28.72 -4.58 15.74
N LYS A 564 -27.86 -3.97 14.93
CA LYS A 564 -28.23 -3.68 13.55
C LYS A 564 -28.24 -4.92 12.66
N ALA A 565 -27.52 -5.98 13.01
CA ALA A 565 -27.39 -7.15 12.15
C ALA A 565 -28.23 -8.33 12.61
N ASN A 566 -29.08 -8.15 13.62
CA ASN A 566 -29.98 -9.20 14.10
C ASN A 566 -29.22 -10.47 14.49
N PHE A 567 -28.27 -10.31 15.41
CA PHE A 567 -27.62 -11.46 16.02
C PHE A 567 -28.60 -12.21 16.90
N LYS A 568 -28.25 -13.45 17.23
CA LYS A 568 -29.16 -14.33 17.95
C LYS A 568 -28.89 -14.33 19.45
N GLU A 569 -29.90 -14.70 20.21
CA GLU A 569 -29.78 -14.77 21.66
C GLU A 569 -28.70 -15.76 22.05
N PRO A 570 -27.88 -15.44 23.05
CA PRO A 570 -26.76 -16.32 23.39
C PRO A 570 -27.14 -17.51 24.26
N GLU A 571 -28.44 -17.83 24.31
CA GLU A 571 -28.96 -18.92 25.13
C GLU A 571 -28.00 -20.12 25.22
N ALA B 77 -8.11 21.09 -12.07
CA ALA B 77 -7.71 21.30 -13.45
C ALA B 77 -6.62 22.37 -13.55
N TRP B 78 -7.04 23.61 -13.84
CA TRP B 78 -6.09 24.70 -13.96
C TRP B 78 -5.26 24.86 -12.68
N GLU B 79 -5.87 24.63 -11.52
CA GLU B 79 -5.14 24.75 -10.27
C GLU B 79 -3.98 23.77 -10.22
N MET B 80 -4.25 22.50 -10.52
CA MET B 80 -3.19 21.49 -10.51
C MET B 80 -2.17 21.75 -11.61
N GLY B 81 -2.61 22.26 -12.76
CA GLY B 81 -1.67 22.58 -13.82
C GLY B 81 -0.70 23.67 -13.43
N VAL B 82 -1.20 24.71 -12.78
CA VAL B 82 -0.34 25.81 -12.34
C VAL B 82 0.56 25.36 -11.19
N SER B 83 0.02 24.55 -10.27
CA SER B 83 0.82 24.08 -9.15
C SER B 83 2.00 23.24 -9.64
N ASP B 84 1.77 22.35 -10.59
CA ASP B 84 2.81 21.46 -11.08
C ASP B 84 2.79 21.39 -12.61
N PRO B 85 3.79 21.95 -13.29
CA PRO B 85 3.85 21.82 -14.75
C PRO B 85 4.50 20.53 -15.24
N ARG B 86 4.93 19.64 -14.35
CA ARG B 86 5.53 18.38 -14.77
C ARG B 86 4.51 17.45 -15.40
N LYS B 87 3.24 17.56 -15.01
CA LYS B 87 2.23 16.65 -15.53
C LYS B 87 1.68 17.11 -16.87
N ILE B 88 1.89 18.37 -17.23
CA ILE B 88 1.46 18.83 -18.54
C ILE B 88 2.49 18.42 -19.58
N VAL B 89 3.77 18.43 -19.19
CA VAL B 89 4.81 17.92 -20.06
C VAL B 89 4.67 16.41 -20.21
N PHE B 90 4.32 15.71 -19.12
CA PHE B 90 4.10 14.27 -19.22
C PHE B 90 2.96 13.95 -20.19
N SER B 91 1.82 14.66 -20.06
CA SER B 91 0.68 14.39 -20.93
C SER B 91 0.99 14.74 -22.39
N ALA B 92 1.75 15.81 -22.62
CA ALA B 92 2.10 16.15 -23.99
C ALA B 92 3.09 15.15 -24.58
N LYS B 93 3.95 14.57 -23.73
CA LYS B 93 4.86 13.54 -24.22
C LYS B 93 4.11 12.29 -24.63
N ILE B 94 3.11 11.90 -23.85
CA ILE B 94 2.30 10.73 -24.22
C ILE B 94 1.56 10.99 -25.53
N GLY B 95 0.98 12.19 -25.67
CA GLY B 95 0.31 12.52 -26.91
C GLY B 95 1.25 12.48 -28.11
N LEU B 96 2.46 13.02 -27.95
CA LEU B 96 3.43 13.00 -29.05
C LEU B 96 3.82 11.58 -29.42
N ALA B 97 4.05 10.72 -28.42
CA ALA B 97 4.46 9.35 -28.73
C ALA B 97 3.37 8.62 -29.49
N LEU B 98 2.12 8.81 -29.09
CA LEU B 98 1.03 8.15 -29.81
C LEU B 98 0.89 8.70 -31.23
N THR B 99 1.00 10.02 -31.39
CA THR B 99 0.90 10.60 -32.74
C THR B 99 2.02 10.11 -33.64
N ILE B 100 3.17 9.76 -33.08
CA ILE B 100 4.25 9.24 -33.91
C ILE B 100 4.01 7.78 -34.26
N VAL B 101 3.58 6.98 -33.28
CA VAL B 101 3.28 5.57 -33.51
C VAL B 101 2.04 5.44 -34.39
N ALA B 102 1.44 6.57 -34.75
CA ALA B 102 0.34 6.57 -35.71
C ALA B 102 0.71 7.12 -37.07
N LEU B 103 1.57 8.13 -37.13
CA LEU B 103 2.07 8.60 -38.42
C LEU B 103 2.90 7.51 -39.10
N LEU B 104 3.66 6.75 -38.30
CA LEU B 104 4.45 5.67 -38.88
C LEU B 104 3.54 4.62 -39.50
N ILE B 105 2.43 4.29 -38.84
CA ILE B 105 1.47 3.35 -39.41
C ILE B 105 0.89 3.90 -40.71
N PHE B 106 0.48 5.18 -40.70
CA PHE B 106 -0.18 5.73 -41.88
C PHE B 106 0.74 5.73 -43.09
N TYR B 107 1.93 6.32 -42.97
CA TYR B 107 2.77 6.50 -44.15
C TYR B 107 3.86 5.45 -44.32
N GLN B 108 4.61 5.14 -43.27
CA GLN B 108 5.73 4.21 -43.42
C GLN B 108 5.31 2.82 -43.89
N GLU B 109 4.01 2.53 -43.98
CA GLU B 109 3.59 1.22 -44.49
C GLU B 109 2.29 1.31 -45.25
N PRO B 110 2.22 0.78 -46.47
CA PRO B 110 0.96 0.75 -47.23
C PRO B 110 0.25 -0.61 -47.24
N ASN B 111 0.76 -1.60 -46.52
CA ASN B 111 0.17 -2.94 -46.57
C ASN B 111 -1.21 -2.94 -45.92
N PRO B 112 -2.10 -3.84 -46.37
CA PRO B 112 -3.45 -3.87 -45.79
C PRO B 112 -3.48 -4.40 -44.36
N ASP B 113 -2.74 -5.47 -44.08
CA ASP B 113 -2.76 -6.07 -42.75
C ASP B 113 -1.97 -5.28 -41.72
N LEU B 114 -0.99 -4.48 -42.16
CA LEU B 114 -0.19 -3.69 -41.24
C LEU B 114 -1.07 -2.91 -40.25
N SER B 115 -2.29 -2.57 -40.64
CA SER B 115 -3.16 -1.72 -39.84
C SER B 115 -4.10 -2.50 -38.93
N ARG B 116 -4.10 -3.83 -38.99
CA ARG B 116 -4.85 -4.64 -38.05
C ARG B 116 -4.00 -5.11 -36.87
N TYR B 117 -2.69 -5.22 -37.06
CA TYR B 117 -1.77 -5.59 -36.00
C TYR B 117 -1.29 -4.36 -35.22
N SER B 118 -2.01 -3.25 -35.29
CA SER B 118 -1.63 -2.03 -34.58
C SER B 118 -1.91 -2.11 -33.09
N VAL B 119 -2.58 -3.16 -32.61
CA VAL B 119 -2.89 -3.24 -31.19
C VAL B 119 -1.71 -3.72 -30.37
N TRP B 120 -0.75 -4.42 -31.02
CA TRP B 120 0.43 -4.92 -30.33
C TRP B 120 1.47 -3.82 -30.11
N ALA B 121 1.31 -2.68 -30.77
CA ALA B 121 2.15 -1.51 -30.53
C ALA B 121 1.48 -0.50 -29.63
N ILE B 122 0.16 -0.37 -29.71
CA ILE B 122 -0.56 0.57 -28.86
C ILE B 122 -0.63 0.04 -27.43
N LEU B 123 -0.85 -1.26 -27.25
CA LEU B 123 -0.80 -1.83 -25.91
C LEU B 123 0.59 -1.66 -25.30
N THR B 124 1.64 -1.80 -26.11
CA THR B 124 2.99 -1.61 -25.61
C THR B 124 3.24 -0.16 -25.20
N VAL B 125 2.80 0.80 -26.03
CA VAL B 125 3.01 2.21 -25.69
C VAL B 125 2.11 2.66 -24.57
N VAL B 126 1.07 1.90 -24.24
CA VAL B 126 0.19 2.23 -23.13
C VAL B 126 0.51 1.42 -21.88
N VAL B 127 1.47 0.51 -21.96
CA VAL B 127 1.91 -0.25 -20.79
C VAL B 127 3.35 0.05 -20.38
N VAL B 128 4.19 0.57 -21.27
CA VAL B 128 5.61 0.75 -20.94
C VAL B 128 5.99 2.21 -20.65
N PHE B 129 5.14 3.18 -21.00
CA PHE B 129 5.43 4.60 -20.76
C PHE B 129 5.12 4.94 -19.30
N GLU B 130 6.16 5.16 -18.50
CA GLU B 130 6.02 5.45 -17.08
C GLU B 130 6.62 6.82 -16.74
N PHE B 131 6.34 7.25 -15.51
CA PHE B 131 6.75 8.58 -15.05
C PHE B 131 8.27 8.75 -15.04
N THR B 132 9.01 7.69 -14.72
CA THR B 132 10.47 7.76 -14.62
C THR B 132 11.12 6.89 -15.68
N ILE B 133 12.40 7.18 -15.94
CA ILE B 133 13.17 6.42 -16.92
C ILE B 133 13.46 5.01 -16.43
N GLY B 134 13.79 4.86 -15.15
CA GLY B 134 14.14 3.54 -14.64
C GLY B 134 12.98 2.57 -14.62
N ALA B 135 11.77 3.07 -14.37
CA ALA B 135 10.59 2.21 -14.43
C ALA B 135 10.30 1.79 -15.86
N THR B 136 10.45 2.71 -16.81
CA THR B 136 10.26 2.37 -18.22
C THR B 136 11.26 1.31 -18.66
N LEU B 137 12.52 1.44 -18.22
CA LEU B 137 13.53 0.46 -18.58
C LEU B 137 13.20 -0.92 -18.01
N SER B 138 12.83 -0.98 -16.72
CA SER B 138 12.50 -2.25 -16.11
C SER B 138 11.31 -2.91 -16.80
N LYS B 139 10.25 -2.14 -17.06
CA LYS B 139 9.06 -2.72 -17.69
C LYS B 139 9.36 -3.20 -19.10
N GLY B 140 10.13 -2.43 -19.87
CA GLY B 140 10.51 -2.89 -21.20
C GLY B 140 11.27 -4.21 -21.16
N PHE B 141 12.25 -4.31 -20.26
CA PHE B 141 13.01 -5.54 -20.14
C PHE B 141 12.10 -6.71 -19.81
N ASN B 142 11.21 -6.54 -18.82
CA ASN B 142 10.31 -7.62 -18.43
C ASN B 142 9.43 -8.06 -19.60
N ARG B 143 8.87 -7.09 -20.35
CA ARG B 143 7.99 -7.44 -21.46
C ARG B 143 8.74 -8.22 -22.52
N ALA B 144 9.94 -7.76 -22.89
CA ALA B 144 10.76 -8.49 -23.85
C ALA B 144 10.99 -9.94 -23.40
N LEU B 145 11.42 -10.12 -22.15
CA LEU B 145 11.66 -11.46 -21.63
C LEU B 145 10.42 -12.33 -21.76
N GLY B 146 9.28 -11.83 -21.26
CA GLY B 146 8.03 -12.60 -21.35
C GLY B 146 7.72 -13.03 -22.77
N THR B 147 7.73 -12.08 -23.71
CA THR B 147 7.39 -12.39 -25.09
C THR B 147 8.31 -13.45 -25.67
N LEU B 148 9.63 -13.33 -25.43
CA LEU B 148 10.55 -14.29 -26.05
C LEU B 148 10.42 -15.67 -25.41
N SER B 149 10.24 -15.73 -24.10
CA SER B 149 10.08 -17.03 -23.45
C SER B 149 8.81 -17.72 -23.93
N ALA B 150 7.74 -16.97 -24.16
CA ALA B 150 6.53 -17.64 -24.59
C ALA B 150 6.49 -17.89 -26.09
N GLY B 151 7.39 -17.29 -26.85
CA GLY B 151 7.39 -17.59 -28.27
C GLY B 151 8.24 -18.82 -28.47
N GLY B 152 9.28 -18.95 -27.66
CA GLY B 152 10.07 -20.17 -27.70
C GLY B 152 9.25 -21.37 -27.23
N LEU B 153 8.57 -21.22 -26.10
CA LEU B 153 7.74 -22.32 -25.60
C LEU B 153 6.66 -22.71 -26.61
N ALA B 154 5.96 -21.72 -27.19
CA ALA B 154 4.91 -22.04 -28.14
C ALA B 154 5.47 -22.78 -29.35
N LEU B 155 6.58 -22.30 -29.92
CA LEU B 155 7.19 -22.99 -31.04
C LEU B 155 7.55 -24.43 -30.69
N GLY B 156 8.23 -24.62 -29.55
CA GLY B 156 8.61 -25.96 -29.15
C GLY B 156 7.42 -26.91 -29.03
N MET B 157 6.35 -26.45 -28.39
CA MET B 157 5.17 -27.30 -28.23
C MET B 157 4.51 -27.59 -29.57
N ALA B 158 4.40 -26.58 -30.44
CA ALA B 158 3.81 -26.81 -31.76
C ALA B 158 4.60 -27.85 -32.53
N GLU B 159 5.92 -27.82 -32.45
CA GLU B 159 6.71 -28.86 -33.09
C GLU B 159 6.45 -30.23 -32.45
N LEU B 160 6.58 -30.31 -31.12
CA LEU B 160 6.46 -31.60 -30.43
C LEU B 160 5.08 -32.24 -30.59
N SER B 161 4.05 -31.46 -30.93
CA SER B 161 2.71 -32.03 -31.02
C SER B 161 2.60 -33.10 -32.11
N THR B 162 3.30 -32.91 -33.23
CA THR B 162 3.17 -33.81 -34.37
C THR B 162 3.62 -35.24 -34.08
N LEU B 163 4.39 -35.46 -33.01
CA LEU B 163 4.98 -36.78 -32.79
C LEU B 163 3.93 -37.89 -32.83
N PHE B 164 2.86 -37.74 -32.04
CA PHE B 164 1.77 -38.72 -32.01
C PHE B 164 0.59 -38.21 -32.83
N GLY B 165 0.31 -38.89 -33.94
CA GLY B 165 -0.77 -38.48 -34.80
C GLY B 165 -2.14 -38.72 -34.20
N ASP B 166 -3.12 -38.08 -34.83
CA ASP B 166 -4.53 -38.11 -34.41
C ASP B 166 -4.75 -37.27 -33.16
N TRP B 167 -3.72 -37.16 -32.31
CA TRP B 167 -3.75 -36.28 -31.15
C TRP B 167 -3.29 -34.88 -31.55
N GLU B 168 -4.10 -34.23 -32.37
CA GLU B 168 -3.88 -32.85 -32.77
C GLU B 168 -5.18 -32.09 -32.58
N GLU B 169 -5.07 -30.90 -31.99
CA GLU B 169 -6.14 -30.03 -31.52
C GLU B 169 -6.67 -30.57 -30.19
N ILE B 170 -6.20 -31.73 -29.74
CA ILE B 170 -6.49 -32.23 -28.40
C ILE B 170 -5.27 -32.13 -27.50
N PHE B 171 -4.09 -32.44 -28.03
CA PHE B 171 -2.85 -32.27 -27.28
C PHE B 171 -2.39 -30.82 -27.30
N CYS B 172 -2.97 -30.00 -28.17
CA CYS B 172 -2.74 -28.56 -28.18
C CYS B 172 -3.72 -27.85 -27.26
N THR B 173 -4.90 -28.42 -27.06
CA THR B 173 -5.90 -27.88 -26.17
C THR B 173 -5.74 -28.36 -24.73
N LEU B 174 -4.96 -29.42 -24.51
CA LEU B 174 -4.64 -29.86 -23.16
C LEU B 174 -3.42 -29.17 -22.58
N SER B 175 -2.66 -28.43 -23.38
CA SER B 175 -1.50 -27.68 -22.89
C SER B 175 -1.85 -26.25 -22.48
N ILE B 176 -2.96 -25.71 -22.97
CA ILE B 176 -3.36 -24.36 -22.57
C ILE B 176 -3.85 -24.35 -21.13
N PHE B 177 -4.49 -25.43 -20.69
CA PHE B 177 -4.92 -25.52 -19.30
C PHE B 177 -3.72 -25.58 -18.37
N CYS B 178 -2.70 -26.34 -18.75
CA CYS B 178 -1.53 -26.50 -17.89
C CYS B 178 -0.68 -25.24 -17.88
N ILE B 179 -0.59 -24.54 -19.02
CA ILE B 179 0.20 -23.32 -19.05
C ILE B 179 -0.52 -22.20 -18.29
N GLY B 180 -1.84 -22.09 -18.44
CA GLY B 180 -2.54 -21.08 -17.67
C GLY B 180 -2.54 -21.37 -16.18
N PHE B 181 -2.49 -22.64 -15.81
CA PHE B 181 -2.48 -22.97 -14.39
C PHE B 181 -1.11 -22.69 -13.78
N LEU B 182 -0.04 -23.11 -14.45
CA LEU B 182 1.30 -22.80 -13.96
C LEU B 182 1.54 -21.30 -13.91
N ALA B 183 1.12 -20.57 -14.96
CA ALA B 183 1.32 -19.13 -14.99
C ALA B 183 0.59 -18.44 -13.84
N THR B 184 -0.68 -18.80 -13.59
CA THR B 184 -1.40 -18.13 -12.50
C THR B 184 -0.80 -18.48 -11.15
N PHE B 185 -0.44 -19.76 -10.95
CA PHE B 185 0.11 -20.15 -9.65
C PHE B 185 1.43 -19.43 -9.40
N MET B 186 2.29 -19.34 -10.42
CA MET B 186 3.54 -18.61 -10.26
C MET B 186 3.32 -17.11 -10.11
N LYS B 187 2.21 -16.58 -10.61
CA LYS B 187 1.97 -15.15 -10.51
C LYS B 187 1.38 -14.74 -9.17
N LEU B 188 0.88 -15.70 -8.39
CA LEU B 188 0.23 -15.33 -7.12
C LEU B 188 1.18 -15.30 -5.92
N TYR B 189 2.43 -15.73 -6.07
CA TYR B 189 3.39 -15.62 -4.97
C TYR B 189 3.77 -14.17 -4.65
N PRO B 190 4.00 -13.88 -3.38
CA PRO B 190 4.30 -12.49 -2.97
C PRO B 190 5.63 -11.97 -3.49
N SER B 191 6.63 -12.83 -3.66
CA SER B 191 7.92 -12.38 -4.18
C SER B 191 7.79 -11.83 -5.59
N MET B 192 6.97 -12.47 -6.42
CA MET B 192 6.85 -12.06 -7.83
C MET B 192 5.73 -11.04 -8.04
N LYS B 193 5.73 -9.95 -7.25
CA LYS B 193 4.71 -8.93 -7.44
C LYS B 193 5.19 -7.79 -8.33
N ALA B 194 6.45 -7.84 -8.75
CA ALA B 194 7.04 -6.83 -9.63
C ALA B 194 7.21 -7.36 -11.04
N TYR B 195 6.51 -8.45 -11.38
CA TYR B 195 6.54 -9.04 -12.71
C TYR B 195 5.12 -9.37 -13.17
N GLU B 196 4.13 -8.64 -12.65
CA GLU B 196 2.74 -8.96 -12.93
C GLU B 196 2.40 -8.85 -14.41
N TYR B 197 3.07 -7.97 -15.15
CA TYR B 197 2.72 -7.77 -16.54
C TYR B 197 3.49 -8.67 -17.49
N GLY B 198 4.63 -9.23 -17.07
CA GLY B 198 5.32 -10.16 -17.95
C GLY B 198 4.73 -11.54 -17.94
N PHE B 199 3.97 -11.87 -16.90
CA PHE B 199 3.26 -13.14 -16.87
C PHE B 199 2.01 -13.06 -17.70
N ARG B 200 1.36 -11.89 -17.71
CA ARG B 200 0.20 -11.68 -18.55
C ARG B 200 0.59 -11.64 -20.03
N VAL B 201 1.73 -11.01 -20.35
CA VAL B 201 2.17 -11.01 -21.74
C VAL B 201 2.64 -12.40 -22.15
N PHE B 202 3.20 -13.18 -21.22
CA PHE B 202 3.60 -14.54 -21.53
C PHE B 202 2.39 -15.41 -21.87
N LEU B 203 1.33 -15.31 -21.07
CA LEU B 203 0.14 -16.11 -21.34
C LEU B 203 -0.55 -15.66 -22.61
N LEU B 204 -0.62 -14.36 -22.84
CA LEU B 204 -1.28 -13.85 -24.04
C LEU B 204 -0.55 -14.30 -25.30
N THR B 205 0.79 -14.20 -25.31
CA THR B 205 1.52 -14.59 -26.51
C THR B 205 1.47 -16.10 -26.72
N TYR B 206 1.54 -16.88 -25.64
CA TYR B 206 1.46 -18.33 -25.80
C TYR B 206 0.13 -18.73 -26.43
N CYS B 207 -0.98 -18.24 -25.86
CA CYS B 207 -2.28 -18.65 -26.37
C CYS B 207 -2.50 -18.14 -27.79
N TYR B 208 -2.11 -16.89 -28.08
CA TYR B 208 -2.31 -16.37 -29.42
C TYR B 208 -1.51 -17.16 -30.45
N ILE B 209 -0.23 -17.44 -30.16
CA ILE B 209 0.58 -18.17 -31.12
C ILE B 209 0.00 -19.56 -31.35
N LEU B 210 -0.46 -20.22 -30.29
CA LEU B 210 -0.98 -21.57 -30.47
C LEU B 210 -2.27 -21.57 -31.28
N ILE B 211 -3.22 -20.69 -30.95
CA ILE B 211 -4.51 -20.72 -31.61
C ILE B 211 -4.43 -20.21 -33.04
N SER B 212 -3.70 -19.11 -33.26
CA SER B 212 -3.72 -18.46 -34.58
C SER B 212 -3.12 -19.34 -35.66
N GLY B 213 -1.97 -19.94 -35.40
CA GLY B 213 -1.27 -20.68 -36.43
C GLY B 213 -1.57 -22.17 -36.46
N PHE B 214 -2.68 -22.58 -35.84
CA PHE B 214 -2.99 -24.01 -35.75
C PHE B 214 -3.43 -24.56 -37.10
N ARG B 215 -4.32 -23.85 -37.79
CA ARG B 215 -4.88 -24.37 -39.04
C ARG B 215 -3.87 -24.33 -40.17
N THR B 216 -3.08 -23.26 -40.26
CA THR B 216 -2.16 -23.08 -41.37
C THR B 216 -0.75 -23.61 -41.09
N GLY B 217 -0.38 -23.77 -39.82
CA GLY B 217 0.94 -24.26 -39.48
C GLY B 217 2.04 -23.23 -39.45
N GLN B 218 1.75 -21.98 -39.82
CA GLN B 218 2.75 -20.92 -39.86
C GLN B 218 2.81 -20.24 -38.49
N PHE B 219 3.84 -20.56 -37.72
CA PHE B 219 3.99 -20.03 -36.37
C PHE B 219 5.10 -18.99 -36.25
N ILE B 220 6.14 -19.10 -37.07
CA ILE B 220 7.30 -18.23 -36.91
C ILE B 220 7.05 -16.87 -37.51
N GLU B 221 6.24 -16.79 -38.57
CA GLU B 221 5.91 -15.48 -39.11
C GLU B 221 5.10 -14.67 -38.11
N VAL B 222 4.15 -15.31 -37.43
CA VAL B 222 3.37 -14.61 -36.42
C VAL B 222 4.25 -14.19 -35.26
N ALA B 223 5.10 -15.10 -34.78
CA ALA B 223 5.98 -14.77 -33.67
C ALA B 223 6.87 -13.57 -34.00
N ILE B 224 7.57 -13.63 -35.14
CA ILE B 224 8.50 -12.57 -35.52
C ILE B 224 7.77 -11.26 -35.72
N SER B 225 6.65 -11.28 -36.45
CA SER B 225 5.88 -10.06 -36.69
C SER B 225 5.51 -9.39 -35.37
N ARG B 226 4.85 -10.13 -34.47
CA ARG B 226 4.39 -9.53 -33.23
C ARG B 226 5.57 -9.02 -32.39
N PHE B 227 6.69 -9.75 -32.39
CA PHE B 227 7.84 -9.28 -31.63
C PHE B 227 8.40 -7.97 -32.21
N LEU B 228 8.42 -7.85 -33.53
CA LEU B 228 8.90 -6.60 -34.11
C LEU B 228 7.94 -5.46 -33.81
N LEU B 229 6.63 -5.73 -33.79
CA LEU B 229 5.71 -4.66 -33.42
C LEU B 229 5.87 -4.24 -31.97
N ILE B 230 6.35 -5.14 -31.11
CA ILE B 230 6.55 -4.75 -29.72
C ILE B 230 7.85 -3.98 -29.56
N ALA B 231 8.86 -4.28 -30.37
CA ALA B 231 10.08 -3.47 -30.25
C ALA B 231 9.87 -2.11 -30.90
N LEU B 232 9.01 -2.05 -31.91
CA LEU B 232 8.66 -0.79 -32.54
C LEU B 232 7.77 0.05 -31.64
N GLY B 233 7.07 -0.57 -30.70
CA GLY B 233 6.23 0.21 -29.82
C GLY B 233 6.95 0.57 -28.52
N ALA B 234 8.06 -0.11 -28.23
CA ALA B 234 8.82 0.21 -27.02
C ALA B 234 10.00 1.14 -27.28
N GLY B 235 10.48 1.26 -28.51
CA GLY B 235 11.64 2.09 -28.73
C GLY B 235 11.30 3.56 -28.93
N VAL B 236 10.12 3.83 -29.47
CA VAL B 236 9.68 5.21 -29.57
C VAL B 236 9.34 5.76 -28.19
N SER B 237 8.74 4.91 -27.33
CA SER B 237 8.46 5.34 -25.97
C SER B 237 9.75 5.63 -25.21
N LEU B 238 10.76 4.76 -25.35
CA LEU B 238 12.00 5.01 -24.61
C LEU B 238 12.71 6.25 -25.13
N GLY B 239 12.74 6.46 -26.45
CA GLY B 239 13.39 7.64 -26.99
C GLY B 239 12.70 8.93 -26.56
N VAL B 240 11.37 8.95 -26.64
CA VAL B 240 10.64 10.16 -26.29
C VAL B 240 10.80 10.46 -24.81
N ASN B 241 10.76 9.42 -23.96
CA ASN B 241 10.90 9.66 -22.53
C ASN B 241 12.30 10.17 -22.18
N MET B 242 13.34 9.58 -22.79
CA MET B 242 14.69 9.93 -22.40
C MET B 242 15.17 11.26 -22.97
N PHE B 243 14.64 11.70 -24.12
CA PHE B 243 15.23 12.88 -24.75
C PHE B 243 14.44 14.18 -24.54
N ILE B 244 13.18 14.13 -24.14
CA ILE B 244 12.41 15.35 -23.90
C ILE B 244 12.14 15.44 -22.41
N TYR B 245 12.89 16.30 -21.71
CA TYR B 245 12.73 16.64 -20.30
C TYR B 245 12.60 15.40 -19.41
N PRO B 246 13.68 14.65 -19.21
CA PRO B 246 13.59 13.43 -18.41
C PRO B 246 13.35 13.71 -16.94
N ILE B 247 12.66 12.77 -16.28
CA ILE B 247 12.48 12.76 -14.84
C ILE B 247 13.24 11.57 -14.27
N TRP B 248 14.02 11.80 -13.22
CA TRP B 248 14.85 10.78 -12.61
C TRP B 248 14.31 10.41 -11.24
N ALA B 249 14.38 9.12 -10.90
CA ALA B 249 13.89 8.63 -9.62
C ALA B 249 14.86 8.90 -8.47
N GLY B 250 16.16 8.99 -8.75
CA GLY B 250 17.11 9.28 -7.71
C GLY B 250 16.92 10.67 -7.12
N GLU B 251 16.56 11.64 -7.97
CA GLU B 251 16.28 12.98 -7.47
C GLU B 251 15.00 13.02 -6.65
N ASP B 252 14.03 12.17 -6.99
CA ASP B 252 12.81 12.09 -6.19
C ASP B 252 13.09 11.47 -4.83
N LEU B 253 13.99 10.48 -4.78
CA LEU B 253 14.38 9.93 -3.48
C LEU B 253 15.13 10.96 -2.65
N HIS B 254 16.01 11.73 -3.28
CA HIS B 254 16.73 12.80 -2.57
C HIS B 254 15.77 13.84 -2.01
N ASN B 255 14.69 14.13 -2.75
CA ASN B 255 13.78 15.16 -2.27
C ASN B 255 12.82 14.61 -1.22
N LEU B 256 12.54 13.32 -1.24
CA LEU B 256 11.66 12.77 -0.21
C LEU B 256 12.40 12.64 1.10
N VAL B 257 13.69 12.30 1.02
CA VAL B 257 14.52 12.25 2.22
C VAL B 257 14.65 13.65 2.81
N VAL B 258 14.79 14.66 1.96
CA VAL B 258 14.85 16.03 2.49
C VAL B 258 13.53 16.43 3.15
N LYS B 259 12.40 16.08 2.51
CA LYS B 259 11.09 16.50 3.03
C LYS B 259 10.72 15.86 4.36
N ASN B 260 11.13 14.61 4.60
CA ASN B 260 10.75 13.94 5.85
C ASN B 260 11.29 14.68 7.08
N PHE B 261 12.50 15.23 6.98
CA PHE B 261 13.11 15.91 8.13
C PHE B 261 12.27 17.11 8.54
N MET B 262 11.76 17.86 7.56
CA MET B 262 10.96 19.04 7.87
C MET B 262 9.60 18.63 8.41
N ASN B 263 9.03 17.54 7.91
CA ASN B 263 7.75 17.10 8.43
C ASN B 263 7.86 16.71 9.90
N VAL B 264 8.93 16.00 10.26
CA VAL B 264 9.10 15.61 11.67
C VAL B 264 9.37 16.83 12.54
N ALA B 265 10.16 17.78 12.02
CA ALA B 265 10.44 18.99 12.81
C ALA B 265 9.18 19.77 13.09
N THR B 266 8.28 19.89 12.11
CA THR B 266 7.01 20.56 12.37
C THR B 266 6.15 19.78 13.36
N SER B 267 6.13 18.44 13.23
CA SER B 267 5.29 17.64 14.11
C SER B 267 5.67 17.78 15.57
N LEU B 268 6.98 17.81 15.86
CA LEU B 268 7.38 17.86 17.27
C LEU B 268 6.91 19.15 17.95
N GLU B 269 7.07 20.29 17.27
CA GLU B 269 6.63 21.55 17.84
C GLU B 269 5.12 21.62 17.93
N GLY B 270 4.43 21.05 16.94
CA GLY B 270 2.98 21.00 17.03
C GLY B 270 2.52 20.24 18.26
N CYS B 271 3.14 19.09 18.52
CA CYS B 271 2.74 18.29 19.68
C CYS B 271 3.01 19.02 20.98
N VAL B 272 4.18 19.65 21.10
CA VAL B 272 4.49 20.31 22.38
C VAL B 272 3.56 21.49 22.62
N ASN B 273 3.26 22.27 21.58
CA ASN B 273 2.35 23.41 21.76
C ASN B 273 0.94 22.92 22.02
N GLY B 274 0.51 21.84 21.38
CA GLY B 274 -0.81 21.31 21.66
C GLY B 274 -0.94 20.80 23.08
N TYR B 275 0.12 20.24 23.63
CA TYR B 275 0.05 19.77 25.01
C TYR B 275 0.11 20.91 26.01
N LEU B 276 0.74 22.04 25.67
CA LEU B 276 0.87 23.12 26.63
C LEU B 276 -0.16 24.23 26.43
N ARG B 277 -1.00 24.17 25.41
CA ARG B 277 -2.01 25.20 25.24
C ARG B 277 -3.07 25.09 26.33
N CYS B 278 -3.79 26.18 26.55
CA CYS B 278 -4.83 26.24 27.57
C CYS B 278 -6.13 25.64 27.05
N VAL B 298 0.14 17.86 12.52
CA VAL B 298 0.68 16.87 13.46
C VAL B 298 0.62 15.48 12.84
N TYR B 299 -0.58 15.03 12.51
CA TYR B 299 -0.77 13.69 11.98
C TYR B 299 0.17 13.42 10.81
N LYS B 300 0.04 14.22 9.75
CA LYS B 300 0.82 13.98 8.54
C LYS B 300 2.31 14.01 8.81
N GLY B 301 2.75 14.87 9.74
CA GLY B 301 4.17 15.05 9.95
C GLY B 301 4.87 13.75 10.28
N TYR B 302 4.30 12.97 11.20
CA TYR B 302 4.91 11.70 11.54
C TYR B 302 4.40 10.54 10.70
N ARG B 303 3.17 10.64 10.17
CA ARG B 303 2.64 9.56 9.35
C ARG B 303 3.41 9.42 8.05
N SER B 304 3.73 10.52 7.38
CA SER B 304 4.43 10.45 6.10
C SER B 304 5.80 9.80 6.27
N ALA B 305 6.50 10.11 7.35
CA ALA B 305 7.79 9.49 7.60
C ALA B 305 7.63 8.03 8.03
N VAL B 306 6.58 7.72 8.79
CA VAL B 306 6.37 6.34 9.25
C VAL B 306 5.64 5.48 8.23
N GLU B 307 5.08 6.07 7.17
CA GLU B 307 4.34 5.33 6.16
C GLU B 307 4.87 5.62 4.76
N SER B 308 6.18 5.41 4.57
CA SER B 308 6.75 5.61 3.24
C SER B 308 7.89 4.66 2.91
N THR B 309 8.17 3.64 3.72
CA THR B 309 9.29 2.74 3.44
C THR B 309 9.14 2.08 2.07
N SER B 310 7.91 1.70 1.71
CA SER B 310 7.70 1.07 0.41
C SER B 310 8.01 2.04 -0.73
N GLN B 311 7.63 3.30 -0.57
CA GLN B 311 7.91 4.26 -1.63
C GLN B 311 9.40 4.45 -1.82
N GLU B 312 10.17 4.41 -0.72
CA GLU B 312 11.61 4.60 -0.85
C GLU B 312 12.29 3.34 -1.37
N GLU B 313 11.65 2.18 -1.20
CA GLU B 313 12.24 0.96 -1.74
C GLU B 313 11.94 0.82 -3.22
N SER B 314 10.76 1.28 -3.66
CA SER B 314 10.48 1.28 -5.09
C SER B 314 11.32 2.32 -5.81
N LEU B 315 11.45 3.51 -5.22
CA LEU B 315 12.31 4.54 -5.82
C LEU B 315 13.77 4.11 -5.83
N MET B 316 14.19 3.28 -4.88
CA MET B 316 15.55 2.76 -4.92
C MET B 316 15.71 1.60 -5.89
N SER B 317 14.63 0.88 -6.19
CA SER B 317 14.70 -0.16 -7.20
C SER B 317 14.72 0.43 -8.60
N PHE B 318 14.11 1.61 -8.80
CA PHE B 318 14.16 2.25 -10.11
C PHE B 318 15.44 3.04 -10.34
N ALA B 319 16.16 3.43 -9.29
CA ALA B 319 17.33 4.27 -9.45
C ALA B 319 18.59 3.49 -9.83
N ILE B 320 18.59 2.16 -9.65
CA ILE B 320 19.77 1.37 -10.01
C ILE B 320 19.81 1.03 -11.49
N TRP B 321 18.81 1.46 -12.25
CA TRP B 321 18.74 1.21 -13.69
C TRP B 321 19.21 2.40 -14.51
N GLU B 322 19.24 3.59 -13.93
CA GLU B 322 19.50 4.85 -14.61
C GLU B 322 21.01 5.09 -14.75
N PRO B 323 21.44 5.69 -15.85
CA PRO B 323 22.86 5.97 -16.04
C PRO B 323 23.32 7.15 -15.20
N PRO B 324 24.63 7.34 -15.04
CA PRO B 324 25.13 8.49 -14.30
C PRO B 324 24.73 9.80 -14.95
N HIS B 325 24.33 10.76 -14.12
CA HIS B 325 23.89 12.06 -14.62
C HIS B 325 24.02 13.11 -13.53
N GLY B 326 24.18 14.36 -13.95
CA GLY B 326 24.20 15.49 -13.06
C GLY B 326 25.18 15.40 -11.91
N PRO B 327 24.70 15.67 -10.70
CA PRO B 327 25.60 15.63 -9.53
C PRO B 327 26.09 14.24 -9.18
N TYR B 328 25.43 13.19 -9.64
CA TYR B 328 25.76 11.81 -9.29
C TYR B 328 26.55 11.22 -10.45
N LYS B 329 27.87 11.15 -10.30
CA LYS B 329 28.74 10.75 -11.40
C LYS B 329 29.37 9.38 -11.22
N SER B 330 29.47 8.87 -10.01
CA SER B 330 29.99 7.52 -9.81
C SER B 330 29.08 6.51 -10.50
N PHE B 331 29.66 5.34 -10.83
CA PHE B 331 28.91 4.32 -11.51
C PHE B 331 28.13 3.41 -10.57
N ASN B 332 28.36 3.51 -9.26
CA ASN B 332 27.57 2.77 -8.25
C ASN B 332 27.30 3.75 -7.11
N TYR B 333 26.26 4.55 -7.27
CA TYR B 333 25.93 5.52 -6.24
C TYR B 333 25.36 4.82 -5.01
N PRO B 334 25.83 5.15 -3.80
CA PRO B 334 25.29 4.50 -2.60
C PRO B 334 23.86 4.90 -2.29
N TRP B 335 22.91 4.46 -3.11
CA TRP B 335 21.51 4.78 -2.89
C TRP B 335 20.93 4.13 -1.64
N LYS B 336 21.61 3.15 -1.04
CA LYS B 336 21.09 2.48 0.15
C LYS B 336 21.34 3.24 1.45
N ASN B 337 22.33 4.14 1.49
CA ASN B 337 22.55 4.91 2.70
C ASN B 337 21.45 5.93 2.92
N TYR B 338 20.74 6.31 1.85
CA TYR B 338 19.59 7.19 2.00
C TYR B 338 18.46 6.46 2.71
N VAL B 339 18.27 5.18 2.36
CA VAL B 339 17.25 4.38 3.03
C VAL B 339 17.63 4.11 4.48
N LYS B 340 18.93 3.90 4.73
CA LYS B 340 19.36 3.69 6.11
C LYS B 340 19.12 4.93 6.97
N LEU B 341 19.39 6.13 6.41
CA LEU B 341 19.10 7.35 7.16
C LEU B 341 17.60 7.55 7.36
N SER B 342 16.79 7.19 6.36
CA SER B 342 15.34 7.32 6.51
C SER B 342 14.82 6.40 7.61
N GLY B 343 15.35 5.17 7.70
CA GLY B 343 14.94 4.29 8.78
C GLY B 343 15.37 4.81 10.14
N ALA B 344 16.58 5.36 10.22
CA ALA B 344 17.03 5.96 11.48
C ALA B 344 16.09 7.08 11.90
N LEU B 345 15.56 7.84 10.93
CA LEU B 345 14.62 8.92 11.30
C LEU B 345 13.23 8.39 11.66
N LYS B 346 12.81 7.27 11.07
CA LYS B 346 11.51 6.71 11.43
C LYS B 346 11.52 6.17 12.86
N HIS B 347 12.69 5.69 13.30
CA HIS B 347 12.77 5.20 14.67
C HIS B 347 12.57 6.33 15.68
N CYS B 348 13.01 7.55 15.34
CA CYS B 348 12.75 8.71 16.17
C CYS B 348 11.32 9.22 16.02
N ALA B 349 10.71 9.06 14.84
CA ALA B 349 9.35 9.54 14.66
C ALA B 349 8.32 8.69 15.39
N PHE B 350 8.68 7.46 15.80
CA PHE B 350 7.71 6.69 16.58
C PHE B 350 7.46 7.29 17.96
N THR B 351 8.42 8.03 18.51
CA THR B 351 8.20 8.69 19.80
C THR B 351 7.30 9.91 19.67
N VAL B 352 7.37 10.61 18.53
CA VAL B 352 6.44 11.72 18.31
C VAL B 352 5.03 11.17 18.12
N MET B 353 4.91 10.00 17.49
CA MET B 353 3.60 9.38 17.40
C MET B 353 3.07 9.02 18.78
N ALA B 354 3.93 8.54 19.67
CA ALA B 354 3.48 8.22 21.02
C ALA B 354 3.11 9.47 21.81
N LEU B 355 3.77 10.61 21.55
CA LEU B 355 3.38 11.84 22.23
C LEU B 355 2.04 12.36 21.73
N HIS B 356 1.79 12.23 20.42
CA HIS B 356 0.49 12.62 19.90
C HIS B 356 -0.61 11.73 20.48
N GLY B 357 -0.33 10.44 20.64
CA GLY B 357 -1.29 9.57 21.30
C GLY B 357 -1.46 9.91 22.77
N CYS B 358 -0.42 10.48 23.38
CA CYS B 358 -0.54 10.94 24.77
C CYS B 358 -1.45 12.15 24.88
N ILE B 359 -1.51 13.00 23.83
CA ILE B 359 -2.41 14.14 23.90
C ILE B 359 -3.88 13.73 23.82
N LEU B 360 -4.19 12.63 23.13
CA LEU B 360 -5.56 12.20 22.88
C LEU B 360 -6.05 11.12 23.84
N SER B 361 -5.62 11.15 25.09
CA SER B 361 -5.93 10.08 26.02
C SER B 361 -7.19 10.37 26.84
N GLU B 362 -7.76 9.30 27.40
CA GLU B 362 -8.96 9.44 28.23
C GLU B 362 -8.62 10.11 29.56
N ILE B 363 -7.50 9.72 30.17
CA ILE B 363 -7.07 10.25 31.46
C ILE B 363 -6.07 11.37 31.20
N GLN B 364 -6.36 12.55 31.74
CA GLN B 364 -5.53 13.73 31.56
C GLN B 364 -5.15 14.31 32.91
N ALA B 365 -4.29 15.32 32.89
CA ALA B 365 -3.82 15.97 34.10
C ALA B 365 -4.36 17.39 34.22
N PRO B 366 -4.46 17.91 35.45
CA PRO B 366 -4.87 19.31 35.62
C PRO B 366 -3.88 20.28 34.99
N GLU B 367 -4.40 21.28 34.29
CA GLU B 367 -3.55 22.23 33.57
C GLU B 367 -2.61 22.96 34.52
N GLU B 368 -3.09 23.29 35.72
CA GLU B 368 -2.25 24.01 36.67
C GLU B 368 -0.96 23.26 36.95
N ARG B 369 -1.02 21.93 37.01
CA ARG B 369 0.19 21.15 37.23
C ARG B 369 1.11 21.18 36.01
N ARG B 370 0.53 21.14 34.80
CA ARG B 370 1.36 21.16 33.60
C ARG B 370 2.06 22.50 33.42
N GLN B 371 1.48 23.59 33.94
CA GLN B 371 2.07 24.90 33.74
C GLN B 371 3.27 25.15 34.65
N VAL B 372 3.70 24.16 35.43
CA VAL B 372 4.91 24.30 36.24
C VAL B 372 6.18 23.90 35.48
N PHE B 373 6.05 23.19 34.35
CA PHE B 373 7.20 22.70 33.60
C PHE B 373 7.28 23.29 32.19
N ARG B 374 6.57 24.39 31.93
CA ARG B 374 6.44 24.91 30.57
C ARG B 374 7.79 25.24 29.94
N GLN B 375 8.65 25.95 30.68
CA GLN B 375 9.89 26.47 30.09
C GLN B 375 10.79 25.35 29.58
N GLU B 376 11.01 24.31 30.40
CA GLU B 376 11.92 23.24 30.00
C GLU B 376 11.41 22.49 28.79
N LEU B 377 10.10 22.23 28.73
CA LEU B 377 9.55 21.49 27.60
C LEU B 377 9.64 22.32 26.33
N GLN B 378 9.38 23.62 26.43
CA GLN B 378 9.47 24.46 25.24
C GLN B 378 10.91 24.57 24.76
N ARG B 379 11.87 24.61 25.69
CA ARG B 379 13.27 24.64 25.30
C ARG B 379 13.67 23.36 24.57
N VAL B 380 13.23 22.20 25.08
CA VAL B 380 13.61 20.94 24.44
C VAL B 380 12.99 20.86 23.05
N GLY B 381 11.75 21.33 22.90
CA GLY B 381 11.13 21.31 21.58
C GLY B 381 11.85 22.21 20.60
N VAL B 382 12.21 23.42 21.03
CA VAL B 382 12.92 24.35 20.15
C VAL B 382 14.25 23.76 19.70
N GLU B 383 15.00 23.17 20.65
CA GLU B 383 16.31 22.65 20.30
C GLU B 383 16.22 21.47 19.35
N GLY B 384 15.23 20.59 19.56
CA GLY B 384 15.09 19.45 18.67
C GLY B 384 14.67 19.86 17.27
N ALA B 385 13.79 20.86 17.18
CA ALA B 385 13.39 21.33 15.85
C ALA B 385 14.57 21.98 15.12
N LYS B 386 15.40 22.74 15.85
CA LYS B 386 16.58 23.32 15.23
C LYS B 386 17.53 22.25 14.71
N LEU B 387 17.75 21.20 15.51
CA LEU B 387 18.67 20.15 15.07
C LEU B 387 18.14 19.43 13.82
N LEU B 388 16.85 19.11 13.79
CA LEU B 388 16.31 18.41 12.64
C LEU B 388 16.33 19.27 11.39
N ARG B 389 16.09 20.58 11.54
CA ARG B 389 16.14 21.44 10.36
C ARG B 389 17.56 21.65 9.87
N GLU B 390 18.54 21.67 10.78
CA GLU B 390 19.93 21.80 10.34
C GLU B 390 20.38 20.54 9.61
N LEU B 391 19.95 19.36 10.07
CA LEU B 391 20.31 18.14 9.35
C LEU B 391 19.64 18.07 7.99
N GLY B 392 18.40 18.54 7.89
CA GLY B 392 17.75 18.56 6.58
C GLY B 392 18.42 19.53 5.62
N GLU B 393 18.83 20.70 6.13
CA GLU B 393 19.50 21.67 5.27
C GLU B 393 20.86 21.15 4.80
N LYS B 394 21.59 20.46 5.68
CA LYS B 394 22.87 19.91 5.26
C LYS B 394 22.72 18.70 4.34
N VAL B 395 21.60 17.98 4.40
CA VAL B 395 21.39 16.93 3.43
C VAL B 395 20.99 17.50 2.08
N LYS B 396 20.27 18.63 2.06
CA LYS B 396 19.81 19.19 0.79
C LYS B 396 20.95 19.74 -0.05
N LYS B 397 21.97 20.34 0.60
CA LYS B 397 23.09 20.93 -0.13
C LYS B 397 24.27 19.99 -0.30
N MET B 398 24.18 18.75 0.17
CA MET B 398 25.26 17.78 0.04
C MET B 398 26.57 18.33 0.63
N GLU B 399 26.54 18.58 1.93
CA GLU B 399 27.68 19.14 2.65
C GLU B 399 27.98 18.30 3.89
N LYS B 400 29.24 18.36 4.32
CA LYS B 400 29.69 17.62 5.49
C LYS B 400 29.40 18.38 6.78
N LEU B 401 29.48 17.66 7.89
CA LEU B 401 29.30 18.27 9.21
C LEU B 401 30.53 19.06 9.61
N GLY B 402 30.31 20.17 10.31
CA GLY B 402 31.39 21.02 10.74
C GLY B 402 32.14 20.44 11.94
N PRO B 403 33.01 21.24 12.54
CA PRO B 403 33.78 20.76 13.69
C PRO B 403 32.99 20.73 14.99
N VAL B 404 32.07 21.69 15.16
CA VAL B 404 31.34 21.82 16.42
C VAL B 404 30.35 20.67 16.59
N ASP B 405 30.02 20.37 17.85
CA ASP B 405 29.05 19.35 18.19
C ASP B 405 27.64 19.92 18.11
N LEU B 406 26.73 19.20 17.45
CA LEU B 406 25.38 19.67 17.23
C LEU B 406 24.40 19.32 18.34
N LEU B 407 24.73 18.35 19.20
CA LEU B 407 23.80 17.87 20.22
C LEU B 407 24.07 18.46 21.60
N PHE B 408 24.98 19.43 21.71
CA PHE B 408 25.32 20.01 23.00
C PHE B 408 24.13 20.70 23.66
N GLU B 409 23.44 21.56 22.92
CA GLU B 409 22.34 22.34 23.49
C GLU B 409 21.13 21.48 23.83
N VAL B 410 20.79 20.50 22.99
CA VAL B 410 19.65 19.65 23.31
C VAL B 410 19.95 18.80 24.53
N HIS B 411 21.20 18.35 24.67
CA HIS B 411 21.57 17.58 25.85
C HIS B 411 21.47 18.43 27.11
N LEU B 412 21.93 19.68 27.02
CA LEU B 412 21.85 20.54 28.20
C LEU B 412 20.39 20.86 28.56
N ALA B 413 19.54 21.04 27.55
CA ALA B 413 18.13 21.29 27.82
C ALA B 413 17.47 20.09 28.49
N ALA B 414 17.82 18.87 28.05
CA ALA B 414 17.22 17.70 28.66
C ALA B 414 17.75 17.47 30.07
N GLU B 415 18.97 17.94 30.34
CA GLU B 415 19.51 17.81 31.69
C GLU B 415 18.84 18.80 32.63
N GLU B 416 18.56 20.01 32.14
CA GLU B 416 17.80 20.96 32.95
C GLU B 416 16.38 20.46 33.21
N LEU B 417 15.78 19.81 32.22
CA LEU B 417 14.46 19.22 32.41
C LEU B 417 14.49 18.16 33.50
N GLN B 418 15.49 17.27 33.44
CA GLN B 418 15.63 16.24 34.48
C GLN B 418 15.80 16.85 35.85
N HIS B 419 16.63 17.90 35.96
CA HIS B 419 16.83 18.54 37.27
C HIS B 419 15.53 19.14 37.79
N LYS B 420 14.78 19.83 36.93
CA LYS B 420 13.52 20.42 37.36
C LYS B 420 12.53 19.35 37.81
N ILE B 421 12.43 18.25 37.05
CA ILE B 421 11.54 17.17 37.45
C ILE B 421 11.95 16.60 38.79
N ASP B 422 13.26 16.50 39.03
CA ASP B 422 13.73 16.01 40.32
C ASP B 422 13.40 16.97 41.46
N LYS B 423 13.34 18.27 41.17
CA LYS B 423 13.08 19.23 42.25
C LYS B 423 11.61 19.33 42.65
N LYS B 424 10.68 18.96 41.79
CA LYS B 424 9.25 19.10 42.06
C LYS B 424 8.51 17.78 41.91
N SER B 425 9.16 16.68 42.30
CA SER B 425 8.57 15.36 42.11
C SER B 425 7.39 15.07 43.03
N TYR B 426 7.12 15.92 44.02
CA TYR B 426 6.03 15.66 44.94
C TYR B 426 4.65 15.87 44.32
N LEU B 427 4.58 16.41 43.11
CA LEU B 427 3.31 16.64 42.43
C LEU B 427 2.95 15.49 41.49
N LEU B 428 3.70 14.40 41.50
CA LEU B 428 3.45 13.26 40.63
C LEU B 428 3.00 12.01 41.38
N VAL B 429 3.49 11.82 42.59
CA VAL B 429 3.15 10.64 43.36
C VAL B 429 2.40 11.01 44.62
N ASN B 430 1.70 10.04 45.20
CA ASN B 430 0.96 10.29 46.45
C ASN B 430 1.83 9.92 47.63
N SER B 431 2.29 10.92 48.37
CA SER B 431 3.21 10.64 49.48
C SER B 431 2.50 10.25 50.76
N GLU B 432 1.20 10.54 50.84
CA GLU B 432 0.46 10.23 52.06
C GLU B 432 0.52 8.76 52.42
N CYS B 433 0.37 7.89 51.44
CA CYS B 433 0.39 6.46 51.68
C CYS B 433 1.70 5.88 51.26
N TRP B 434 2.46 5.32 52.20
CA TRP B 434 3.75 4.72 51.84
C TRP B 434 4.16 3.57 52.73
N GLU B 435 4.27 2.38 52.15
CA GLU B 435 4.70 1.23 52.91
C GLU B 435 5.99 0.67 52.32
N LYS B 527 -8.44 8.31 44.95
CA LYS B 527 -9.12 7.93 43.72
C LYS B 527 -8.12 7.52 42.64
N THR B 528 -8.44 6.47 41.90
CA THR B 528 -7.56 6.00 40.84
C THR B 528 -7.37 7.06 39.76
N TYR B 529 -8.43 7.81 39.46
CA TYR B 529 -8.34 8.82 38.41
C TYR B 529 -7.36 9.92 38.78
N GLU B 530 -7.34 10.33 40.05
CA GLU B 530 -6.40 11.37 40.46
C GLU B 530 -4.95 10.91 40.30
N SER B 531 -4.67 9.66 40.64
CA SER B 531 -3.32 9.15 40.52
C SER B 531 -2.92 8.99 39.05
N ALA B 532 -3.83 8.52 38.21
CA ALA B 532 -3.51 8.40 36.79
C ALA B 532 -3.27 9.78 36.17
N SER B 533 -4.08 10.76 36.57
CA SER B 533 -3.88 12.13 36.10
C SER B 533 -2.53 12.67 36.53
N ALA B 534 -2.12 12.34 37.75
CA ALA B 534 -0.80 12.76 38.22
C ALA B 534 0.31 12.10 37.42
N LEU B 535 0.17 10.82 37.09
CA LEU B 535 1.25 10.10 36.42
C LEU B 535 1.31 10.34 34.91
N SER B 536 0.27 10.94 34.32
CA SER B 536 0.34 11.20 32.89
C SER B 536 1.37 12.27 32.54
N LEU B 537 1.74 13.10 33.51
CA LEU B 537 2.76 14.12 33.25
C LEU B 537 4.15 13.51 33.28
N ALA B 538 4.37 12.56 34.19
CA ALA B 538 5.64 11.86 34.19
C ALA B 538 5.78 11.01 32.95
N THR B 539 4.66 10.49 32.43
CA THR B 539 4.72 9.78 31.15
C THR B 539 5.14 10.70 30.01
N PHE B 540 4.53 11.89 29.94
CA PHE B 540 4.89 12.85 28.89
C PHE B 540 6.37 13.23 28.97
N ALA B 541 6.87 13.49 30.19
CA ALA B 541 8.27 13.86 30.35
C ALA B 541 9.21 12.72 29.97
N SER B 542 8.90 11.49 30.40
CA SER B 542 9.73 10.36 30.04
C SER B 542 9.80 10.19 28.53
N LEU B 543 8.68 10.43 27.84
CA LEU B 543 8.67 10.25 26.40
C LEU B 543 9.51 11.31 25.70
N LEU B 544 9.44 12.56 26.18
CA LEU B 544 10.29 13.60 25.61
C LEU B 544 11.77 13.30 25.84
N ILE B 545 12.12 12.75 26.99
CA ILE B 545 13.53 12.43 27.25
C ILE B 545 14.00 11.28 26.35
N GLU B 546 13.13 10.30 26.10
CA GLU B 546 13.50 9.22 25.18
C GLU B 546 13.69 9.74 23.76
N PHE B 547 12.84 10.69 23.35
CA PHE B 547 13.03 11.29 22.04
C PHE B 547 14.38 11.99 21.95
N VAL B 548 14.76 12.72 23.01
CA VAL B 548 16.06 13.38 22.97
C VAL B 548 17.20 12.38 23.00
N ALA B 549 16.96 11.18 23.55
CA ALA B 549 18.01 10.17 23.63
C ALA B 549 18.16 9.35 22.34
N ARG B 550 17.22 9.43 21.41
CA ARG B 550 17.34 8.64 20.17
C ARG B 550 17.99 9.37 18.99
N LEU B 551 18.56 10.56 19.18
CA LEU B 551 19.07 11.35 18.05
C LEU B 551 20.49 10.96 17.61
N GLN B 552 21.28 10.35 18.51
CA GLN B 552 22.65 10.02 18.17
C GLN B 552 22.75 9.02 17.02
N ASN B 553 21.78 8.11 16.92
CA ASN B 553 21.80 7.14 15.82
C ASN B 553 21.56 7.82 14.48
N VAL B 554 20.69 8.82 14.46
CA VAL B 554 20.46 9.57 13.23
C VAL B 554 21.72 10.34 12.84
N VAL B 555 22.42 10.91 13.84
CA VAL B 555 23.64 11.64 13.52
C VAL B 555 24.72 10.70 12.98
N ASP B 556 24.81 9.50 13.53
CA ASP B 556 25.80 8.54 13.05
C ASP B 556 25.48 8.08 11.62
N ALA B 557 24.21 7.82 11.34
CA ALA B 557 23.83 7.44 9.98
C ALA B 557 24.14 8.58 9.00
N PHE B 558 23.91 9.83 9.41
CA PHE B 558 24.24 10.93 8.53
C PHE B 558 25.74 11.00 8.26
N LYS B 559 26.56 10.79 9.28
CA LYS B 559 28.01 10.81 9.06
C LYS B 559 28.42 9.71 8.08
N GLU B 560 27.83 8.52 8.21
CA GLU B 560 28.21 7.44 7.31
C GLU B 560 27.79 7.75 5.88
N LEU B 561 26.60 8.32 5.69
CA LEU B 561 26.17 8.69 4.34
C LEU B 561 27.04 9.79 3.75
N SER B 562 27.39 10.80 4.56
CA SER B 562 28.25 11.87 4.08
C SER B 562 29.65 11.38 3.77
N GLN B 563 30.05 10.23 4.31
CA GLN B 563 31.39 9.74 4.01
C GLN B 563 31.42 8.80 2.81
N LYS B 564 30.41 7.93 2.67
CA LYS B 564 30.39 7.05 1.51
C LYS B 564 29.99 7.75 0.21
N ALA B 565 29.31 8.89 0.29
CA ALA B 565 28.83 9.60 -0.89
C ALA B 565 29.70 10.78 -1.28
N ASN B 566 30.83 10.97 -0.60
CA ASN B 566 31.80 12.02 -0.94
C ASN B 566 31.15 13.39 -0.99
N PHE B 567 30.64 13.82 0.17
CA PHE B 567 30.15 15.19 0.31
C PHE B 567 31.33 16.15 0.45
N LYS B 568 31.06 17.42 0.15
CA LYS B 568 32.12 18.42 0.15
C LYS B 568 32.29 19.05 1.52
N GLU B 569 33.44 19.67 1.75
CA GLU B 569 33.71 20.30 3.04
C GLU B 569 32.84 21.51 3.33
N PRO B 570 32.32 21.63 4.55
CA PRO B 570 31.38 22.73 4.86
C PRO B 570 31.94 24.10 4.56
N GLU B 571 33.16 24.38 5.00
CA GLU B 571 33.77 25.67 4.77
C GLU B 571 33.02 26.51 3.75
#